data_4GS1
#
_entry.id   4GS1
#
_cell.length_a   87.680
_cell.length_b   91.190
_cell.length_c   110.550
_cell.angle_alpha   90.000
_cell.angle_beta   90.000
_cell.angle_gamma   90.000
#
_symmetry.space_group_name_H-M   'P 21 21 21'
#
loop_
_entity.id
_entity.type
_entity.pdbx_description
1 polymer 'DyP-type peroxidase'
2 non-polymer 'PROTOPORPHYRIN IX CONTAINING FE'
3 non-polymer 'OXYGEN MOLECULE'
4 non-polymer GLYCEROL
5 water water
#
_entity_poly.entity_id   1
_entity_poly.type   'polypeptide(L)'
_entity_poly.pdbx_seq_one_letter_code
;GSHEAVRPLLPDSDSEQPDPVDAQRLDMARRRADANAAPQPGISGRAPAFVHVIAFDLAEPARAEPAAAREGAATALRTW
AEHAARLHADGPEGAASAGLLPASLMVTIGIGGSLLEAMDAADRRPDALADLPEFATDDLRPRWCGGDLMLQVGAEDPMV
LAAAVDELVAATAPTTTVRWSLRGFRRTAAAAQDPDATPRNLMGQIDGTANPAQDHPLFTRTVTAPPADDPAHAWMDGGS
YLVVRRIRMLLDEWRRLDVPDRERVIGRHLDTGAPLGGEKETDPVVLTARDADGRLVIPEDAHVRLANPENNLGARMVRR
GYNYDEGWRDDGVRDAGLLFMAWQGNPATGFVPVQRSLVEQGDALNRYTRHEGSALFAVPAATADRYPGQDLVEG
;
_entity_poly.pdbx_strand_id   A,B
#
loop_
_chem_comp.id
_chem_comp.type
_chem_comp.name
_chem_comp.formula
GOL non-polymer GLYCEROL 'C3 H8 O3'
HEM non-polymer 'PROTOPORPHYRIN IX CONTAINING FE' 'C34 H32 Fe N4 O4'
OXY non-polymer 'OXYGEN MOLECULE' O2
#
# COMPACT_ATOMS: atom_id res chain seq x y z
N PRO A 20 1.82 11.00 -27.41
CA PRO A 20 0.37 11.06 -27.59
C PRO A 20 -0.34 10.27 -26.48
N VAL A 21 -0.05 8.99 -26.40
CA VAL A 21 -0.48 8.17 -25.27
C VAL A 21 0.31 8.60 -24.05
N ASP A 22 1.46 9.26 -24.28
CA ASP A 22 2.29 9.74 -23.18
C ASP A 22 1.56 10.74 -22.29
N ALA A 23 0.85 11.68 -22.92
CA ALA A 23 0.06 12.66 -22.18
C ALA A 23 -1.07 11.98 -21.42
N GLN A 24 -1.66 10.97 -22.05
CA GLN A 24 -2.67 10.12 -21.42
C GLN A 24 -2.12 9.46 -20.16
N ARG A 25 -0.90 8.94 -20.25
CA ARG A 25 -0.30 8.23 -19.12
C ARG A 25 0.01 9.17 -17.95
N LEU A 26 0.24 10.44 -18.26
CA LEU A 26 0.59 11.41 -17.23
C LEU A 26 -0.62 12.13 -16.66
N ASP A 27 -1.77 11.97 -17.31
CA ASP A 27 -2.92 12.82 -17.02
C ASP A 27 -3.50 12.71 -15.61
N MET A 28 -3.67 11.49 -15.10
CA MET A 28 -4.25 11.32 -13.77
C MET A 28 -3.38 11.91 -12.68
N ALA A 29 -2.06 11.86 -12.86
CA ALA A 29 -1.14 12.39 -11.86
C ALA A 29 -1.09 13.91 -11.92
N ARG A 30 -1.34 14.46 -13.10
CA ARG A 30 -1.17 15.90 -13.37
C ARG A 30 -2.40 16.74 -12.97
N ARG A 31 -3.59 16.17 -13.15
CA ARG A 31 -4.82 16.94 -13.06
C ARG A 31 -5.41 17.01 -11.67
N ARG A 32 -6.24 18.02 -11.43
CA ARG A 32 -7.07 18.03 -10.23
C ARG A 32 -8.34 17.26 -10.51
N ALA A 33 -8.96 16.73 -9.46
CA ALA A 33 -10.25 16.05 -9.60
C ALA A 33 -11.35 17.10 -9.79
N ASP A 34 -12.51 16.67 -10.27
CA ASP A 34 -13.65 17.57 -10.37
C ASP A 34 -14.33 17.67 -9.00
N ALA A 35 -14.13 18.77 -8.30
CA ALA A 35 -14.65 18.93 -6.94
C ALA A 35 -16.18 18.99 -6.91
N ASN A 36 -16.78 19.32 -8.05
CA ASN A 36 -18.23 19.46 -8.14
C ASN A 36 -18.95 18.22 -8.65
N ALA A 37 -18.24 17.10 -8.73
CA ALA A 37 -18.83 15.84 -9.15
C ALA A 37 -19.97 15.46 -8.20
N ALA A 38 -21.07 14.96 -8.76
CA ALA A 38 -22.28 14.72 -7.96
C ALA A 38 -22.49 13.23 -7.73
N PRO A 39 -23.03 12.87 -6.55
CA PRO A 39 -23.37 13.74 -5.42
C PRO A 39 -22.15 14.29 -4.69
N GLN A 40 -21.06 13.51 -4.69
CA GLN A 40 -19.77 13.95 -4.17
C GLN A 40 -18.69 13.35 -5.05
N PRO A 41 -17.44 13.84 -4.93
CA PRO A 41 -16.35 13.18 -5.66
C PRO A 41 -16.17 11.76 -5.16
N GLY A 42 -15.65 10.87 -6.00
CA GLY A 42 -15.37 9.51 -5.57
C GLY A 42 -16.35 8.45 -6.03
N ILE A 43 -17.25 8.81 -6.95
CA ILE A 43 -18.27 7.88 -7.44
C ILE A 43 -18.22 7.75 -8.95
N SER A 44 -18.32 8.89 -9.63
N SER A 44 -18.34 8.88 -9.65
CA SER A 44 -18.24 8.95 -11.09
CA SER A 44 -18.22 8.88 -11.10
C SER A 44 -16.88 9.49 -11.50
C SER A 44 -16.89 9.48 -11.51
N GLY A 45 -16.66 9.60 -12.81
CA GLY A 45 -15.41 10.13 -13.32
C GLY A 45 -14.31 9.07 -13.31
N ARG A 46 -13.12 9.42 -13.80
CA ARG A 46 -12.01 8.47 -13.78
C ARG A 46 -11.57 8.23 -12.35
N ALA A 47 -11.38 6.96 -11.99
CA ALA A 47 -10.97 6.60 -10.63
C ALA A 47 -9.46 6.66 -10.51
N PRO A 48 -8.97 7.33 -9.46
CA PRO A 48 -7.52 7.36 -9.20
C PRO A 48 -6.98 5.98 -8.84
N ALA A 49 -5.67 5.81 -8.97
CA ALA A 49 -5.05 4.49 -8.74
C ALA A 49 -5.02 4.02 -7.29
N PHE A 50 -5.15 4.94 -6.33
CA PHE A 50 -5.07 4.58 -4.90
C PHE A 50 -6.28 5.04 -4.12
N VAL A 51 -6.65 4.26 -3.11
CA VAL A 51 -7.75 4.62 -2.23
C VAL A 51 -7.39 4.33 -0.79
N HIS A 52 -7.95 5.10 0.13
CA HIS A 52 -7.88 4.74 1.55
C HIS A 52 -9.29 4.98 2.09
N VAL A 53 -9.93 3.91 2.53
CA VAL A 53 -11.27 3.98 3.12
C VAL A 53 -11.11 3.91 4.63
N ILE A 54 -11.69 4.89 5.33
CA ILE A 54 -11.56 4.94 6.77
C ILE A 54 -12.94 5.06 7.41
N ALA A 55 -13.25 4.13 8.32
CA ALA A 55 -14.49 4.20 9.07
C ALA A 55 -14.19 4.76 10.45
N PHE A 56 -14.99 5.71 10.91
CA PHE A 56 -14.78 6.35 12.22
C PHE A 56 -16.00 6.16 13.09
N ASP A 57 -15.78 6.18 14.41
CA ASP A 57 -16.89 6.32 15.35
C ASP A 57 -16.73 7.66 16.05
N LEU A 58 -17.83 8.22 16.54
CA LEU A 58 -17.71 9.34 17.47
C LEU A 58 -16.98 8.83 18.70
N ALA A 59 -16.04 9.61 19.23
CA ALA A 59 -15.35 9.22 20.46
C ALA A 59 -16.32 9.21 21.64
N GLU A 60 -16.01 8.41 22.67
CA GLU A 60 -16.97 8.21 23.76
C GLU A 60 -17.46 9.43 24.56
N PRO A 61 -16.60 10.45 24.75
CA PRO A 61 -17.21 11.68 25.29
C PRO A 61 -18.32 12.20 24.38
N ALA A 62 -18.03 12.31 23.09
CA ALA A 62 -19.01 12.78 22.15
C ALA A 62 -20.24 11.88 22.04
N ARG A 63 -20.06 10.56 22.19
CA ARG A 63 -21.07 9.60 21.70
C ARG A 63 -22.24 9.21 22.63
N ALA A 64 -21.97 9.02 23.92
CA ALA A 64 -23.00 8.47 24.80
C ALA A 64 -24.11 9.44 25.24
N GLU A 65 -24.10 10.66 24.72
CA GLU A 65 -25.17 11.62 24.98
C GLU A 65 -25.61 12.30 23.68
N PRO A 66 -26.91 12.21 23.35
CA PRO A 66 -27.39 12.70 22.04
C PRO A 66 -27.04 14.15 21.72
N ALA A 67 -27.13 15.05 22.70
CA ALA A 67 -26.77 16.44 22.47
C ALA A 67 -25.28 16.57 22.10
N ALA A 68 -24.43 15.88 22.84
CA ALA A 68 -23.00 15.87 22.54
C ALA A 68 -22.70 15.15 21.23
N ALA A 69 -23.49 14.13 20.92
CA ALA A 69 -23.30 13.38 19.67
C ALA A 69 -23.63 14.22 18.45
N ARG A 70 -24.73 14.96 18.53
CA ARG A 70 -25.11 15.89 17.47
C ARG A 70 -24.05 16.98 17.27
N GLU A 71 -23.52 17.50 18.37
CA GLU A 71 -22.46 18.51 18.29
C GLU A 71 -21.22 17.92 17.65
N GLY A 72 -20.87 16.69 18.05
CA GLY A 72 -19.69 16.03 17.53
C GLY A 72 -19.83 15.72 16.05
N ALA A 73 -21.01 15.29 15.65
CA ALA A 73 -21.27 14.98 14.25
C ALA A 73 -21.11 16.24 13.39
N ALA A 74 -21.72 17.34 13.82
CA ALA A 74 -21.58 18.60 13.10
C ALA A 74 -20.12 19.01 12.99
N THR A 75 -19.40 18.87 14.08
CA THR A 75 -17.99 19.25 14.11
C THR A 75 -17.19 18.44 13.11
N ALA A 76 -17.39 17.12 13.13
CA ALA A 76 -16.62 16.25 12.24
C ALA A 76 -16.98 16.48 10.78
N LEU A 77 -18.27 16.51 10.47
CA LEU A 77 -18.70 16.65 9.08
C LEU A 77 -18.29 18.00 8.49
N ARG A 78 -18.44 19.07 9.26
CA ARG A 78 -18.09 20.42 8.79
C ARG A 78 -16.59 20.53 8.57
N THR A 79 -15.82 19.99 9.51
CA THR A 79 -14.36 20.08 9.43
C THR A 79 -13.82 19.30 8.23
N TRP A 80 -14.33 18.09 8.00
CA TRP A 80 -13.90 17.32 6.85
C TRP A 80 -14.27 18.03 5.55
N ALA A 81 -15.45 18.63 5.52
CA ALA A 81 -15.89 19.37 4.33
C ALA A 81 -15.00 20.58 4.05
N GLU A 82 -14.63 21.31 5.10
CA GLU A 82 -13.74 22.46 4.95
C GLU A 82 -12.37 22.02 4.43
N HIS A 83 -11.82 20.97 5.03
CA HIS A 83 -10.54 20.44 4.57
C HIS A 83 -10.64 19.88 3.15
N ALA A 84 -11.75 19.21 2.84
CA ALA A 84 -11.94 18.66 1.49
C ALA A 84 -11.87 19.76 0.45
N ALA A 85 -12.45 20.91 0.76
CA ALA A 85 -12.48 22.02 -0.18
C ALA A 85 -11.07 22.51 -0.46
N ARG A 86 -10.28 22.61 0.61
CA ARG A 86 -8.90 23.07 0.49
C ARG A 86 -8.03 22.03 -0.20
N LEU A 87 -8.24 20.76 0.13
CA LEU A 87 -7.48 19.68 -0.49
C LEU A 87 -7.76 19.61 -1.98
N HIS A 88 -9.03 19.77 -2.35
CA HIS A 88 -9.43 19.70 -3.76
C HIS A 88 -8.76 20.86 -4.51
N ALA A 89 -8.73 22.03 -3.88
CA ALA A 89 -8.21 23.24 -4.53
C ALA A 89 -6.69 23.33 -4.60
N ASP A 90 -6.02 22.98 -3.49
CA ASP A 90 -4.57 23.24 -3.36
C ASP A 90 -3.72 22.07 -2.86
N GLY A 91 -4.32 20.88 -2.69
CA GLY A 91 -3.57 19.75 -2.16
C GLY A 91 -3.35 19.83 -0.67
N PRO A 92 -2.68 18.80 -0.10
CA PRO A 92 -2.42 18.75 1.35
C PRO A 92 -1.50 19.85 1.86
N GLU A 93 -1.72 20.25 3.11
N GLU A 93 -1.69 20.25 3.10
CA GLU A 93 -0.95 21.31 3.76
CA GLU A 93 -0.91 21.35 3.70
C GLU A 93 0.49 20.89 4.06
C GLU A 93 0.49 20.91 4.12
N GLY A 94 0.62 19.69 4.63
CA GLY A 94 1.89 19.23 5.18
C GLY A 94 3.08 19.18 4.24
N ALA A 95 4.27 19.21 4.83
CA ALA A 95 5.51 19.11 4.06
C ALA A 95 5.64 17.75 3.37
N ALA A 96 4.93 16.74 3.89
CA ALA A 96 5.04 15.38 3.34
C ALA A 96 4.66 15.32 1.85
N SER A 97 3.75 16.19 1.43
CA SER A 97 3.34 16.20 0.01
C SER A 97 3.94 17.36 -0.77
N ALA A 98 4.97 18.02 -0.23
CA ALA A 98 5.61 19.09 -0.97
C ALA A 98 6.27 18.58 -2.25
N GLY A 99 6.22 19.39 -3.30
CA GLY A 99 6.81 19.03 -4.58
C GLY A 99 6.03 18.01 -5.40
N LEU A 100 4.79 17.74 -5.00
CA LEU A 100 3.97 16.77 -5.73
C LEU A 100 2.86 17.44 -6.54
N LEU A 101 2.47 16.78 -7.63
CA LEU A 101 1.38 17.25 -8.48
C LEU A 101 0.03 16.89 -7.83
N PRO A 102 -1.08 17.47 -8.33
CA PRO A 102 -2.38 17.28 -7.67
C PRO A 102 -2.84 15.82 -7.59
N ALA A 103 -2.51 15.02 -8.60
CA ALA A 103 -2.79 13.58 -8.57
C ALA A 103 -4.26 13.22 -8.34
N SER A 104 -5.17 14.00 -8.92
CA SER A 104 -6.60 13.68 -8.90
C SER A 104 -7.14 13.46 -7.48
N LEU A 105 -6.58 14.17 -6.49
CA LEU A 105 -7.00 14.00 -5.09
C LEU A 105 -8.49 14.30 -4.90
N MET A 106 -9.20 13.36 -4.28
CA MET A 106 -10.64 13.48 -4.09
C MET A 106 -11.06 12.91 -2.73
N VAL A 107 -12.03 13.56 -2.10
CA VAL A 107 -12.52 13.16 -0.78
C VAL A 107 -14.04 12.96 -0.81
N THR A 108 -14.49 11.83 -0.28
CA THR A 108 -15.91 11.51 -0.15
C THR A 108 -16.25 11.36 1.34
N ILE A 109 -17.39 11.93 1.75
CA ILE A 109 -17.80 11.91 3.17
C ILE A 109 -19.12 11.16 3.34
N GLY A 110 -19.14 10.16 4.22
CA GLY A 110 -20.34 9.36 4.44
C GLY A 110 -20.79 9.19 5.88
N ILE A 111 -22.04 8.76 6.05
CA ILE A 111 -22.68 8.69 7.36
C ILE A 111 -23.29 7.30 7.55
N GLY A 112 -23.02 6.67 8.70
CA GLY A 112 -23.63 5.39 9.02
C GLY A 112 -24.93 5.52 9.80
N GLY A 113 -25.80 4.52 9.68
CA GLY A 113 -27.03 4.48 10.45
C GLY A 113 -26.80 4.62 11.95
N SER A 114 -25.68 4.08 12.44
CA SER A 114 -25.41 4.15 13.87
C SER A 114 -25.18 5.57 14.36
N LEU A 115 -24.76 6.47 13.46
CA LEU A 115 -24.61 7.87 13.85
C LEU A 115 -25.97 8.44 14.25
N LEU A 116 -26.99 8.09 13.49
CA LEU A 116 -28.34 8.59 13.75
C LEU A 116 -28.90 8.02 15.06
N GLU A 117 -28.59 6.75 15.33
CA GLU A 117 -28.92 6.14 16.62
C GLU A 117 -28.27 6.92 17.78
N ALA A 118 -26.98 7.23 17.65
CA ALA A 118 -26.26 7.95 18.69
C ALA A 118 -26.84 9.34 18.93
N MET A 119 -27.34 9.96 17.86
CA MET A 119 -27.92 11.31 17.94
C MET A 119 -29.36 11.31 18.43
N ASP A 120 -29.90 10.13 18.75
CA ASP A 120 -31.34 9.96 19.04
C ASP A 120 -32.15 10.56 17.90
N ALA A 121 -31.76 10.20 16.68
CA ALA A 121 -32.45 10.64 15.48
C ALA A 121 -32.73 9.45 14.58
N ALA A 122 -33.09 8.32 15.20
CA ALA A 122 -33.34 7.09 14.45
C ALA A 122 -34.43 7.25 13.39
N ASP A 123 -35.41 8.10 13.65
CA ASP A 123 -36.48 8.28 12.67
C ASP A 123 -36.09 9.23 11.53
N ARG A 124 -34.81 9.57 11.44
CA ARG A 124 -34.32 10.26 10.25
C ARG A 124 -33.67 9.29 9.27
N ARG A 125 -33.58 8.01 9.64
CA ARG A 125 -32.99 6.99 8.78
C ARG A 125 -33.91 6.60 7.63
N PRO A 126 -33.47 6.83 6.37
CA PRO A 126 -34.28 6.35 5.24
C PRO A 126 -34.34 4.82 5.22
N ASP A 127 -35.33 4.26 4.55
CA ASP A 127 -35.44 2.81 4.42
C ASP A 127 -34.16 2.25 3.82
N ALA A 128 -33.56 2.99 2.89
CA ALA A 128 -32.35 2.55 2.21
C ALA A 128 -31.12 2.45 3.12
N LEU A 129 -31.21 3.04 4.31
CA LEU A 129 -30.09 2.98 5.26
C LEU A 129 -30.25 1.83 6.26
N ALA A 130 -31.26 1.00 6.05
CA ALA A 130 -31.46 -0.19 6.89
C ALA A 130 -30.22 -1.08 6.89
N ASP A 131 -29.94 -1.71 8.03
CA ASP A 131 -28.76 -2.57 8.10
C ASP A 131 -28.84 -3.66 7.04
N LEU A 132 -27.68 -4.00 6.47
CA LEU A 132 -27.61 -5.08 5.51
C LEU A 132 -27.99 -6.39 6.19
N PRO A 133 -28.60 -7.30 5.43
CA PRO A 133 -28.91 -8.63 5.95
C PRO A 133 -27.65 -9.42 6.24
N GLU A 134 -27.78 -10.45 7.06
CA GLU A 134 -26.70 -11.42 7.18
C GLU A 134 -26.85 -12.39 6.02
N PHE A 135 -25.74 -12.80 5.42
CA PHE A 135 -25.78 -13.77 4.33
C PHE A 135 -25.05 -15.04 4.79
N ALA A 136 -25.49 -16.18 4.28
CA ALA A 136 -24.98 -17.48 4.75
C ALA A 136 -23.47 -17.65 4.56
N THR A 137 -22.91 -17.00 3.55
CA THR A 137 -21.48 -17.07 3.28
C THR A 137 -20.64 -16.06 4.07
N ASP A 138 -21.29 -15.20 4.86
CA ASP A 138 -20.55 -14.17 5.61
C ASP A 138 -19.45 -14.78 6.48
N ASP A 139 -18.30 -14.10 6.55
CA ASP A 139 -17.19 -14.51 7.41
C ASP A 139 -16.66 -13.25 8.10
N LEU A 140 -17.60 -12.44 8.56
CA LEU A 140 -17.32 -11.07 8.98
C LEU A 140 -16.66 -10.95 10.36
N ARG A 141 -15.56 -10.22 10.42
CA ARG A 141 -14.94 -9.86 11.70
C ARG A 141 -15.57 -8.55 12.18
N PRO A 142 -16.18 -8.54 13.38
CA PRO A 142 -16.91 -7.34 13.85
C PRO A 142 -16.08 -6.06 13.87
N ARG A 143 -14.78 -6.17 14.16
CA ARG A 143 -13.89 -5.02 14.24
C ARG A 143 -13.72 -4.34 12.87
N TRP A 144 -14.05 -5.06 11.81
CA TRP A 144 -13.89 -4.56 10.45
C TRP A 144 -15.25 -4.24 9.79
N CYS A 145 -16.28 -4.08 10.61
CA CYS A 145 -17.61 -3.78 10.07
C CYS A 145 -18.17 -2.50 10.66
N GLY A 146 -19.07 -1.85 9.93
CA GLY A 146 -19.79 -0.71 10.45
C GLY A 146 -19.01 0.58 10.59
N GLY A 147 -19.56 1.50 11.36
CA GLY A 147 -18.95 2.80 11.62
C GLY A 147 -19.98 3.91 11.59
N ASP A 148 -19.80 4.91 12.44
CA ASP A 148 -20.71 6.07 12.47
C ASP A 148 -20.50 6.95 11.24
N LEU A 149 -19.25 6.99 10.77
CA LEU A 149 -18.83 7.95 9.75
C LEU A 149 -17.79 7.31 8.84
N MET A 150 -17.65 7.86 7.63
N MET A 150 -17.64 7.87 7.64
CA MET A 150 -16.69 7.31 6.68
CA MET A 150 -16.74 7.33 6.63
C MET A 150 -16.03 8.40 5.85
C MET A 150 -16.04 8.41 5.84
N LEU A 151 -14.74 8.23 5.58
CA LEU A 151 -14.05 9.01 4.56
C LEU A 151 -13.53 8.03 3.50
N GLN A 152 -13.73 8.37 2.22
CA GLN A 152 -13.03 7.69 1.14
C GLN A 152 -12.11 8.73 0.54
N VAL A 153 -10.81 8.48 0.62
CA VAL A 153 -9.82 9.42 0.07
C VAL A 153 -9.11 8.74 -1.08
N GLY A 154 -9.03 9.41 -2.22
CA GLY A 154 -8.38 8.80 -3.37
C GLY A 154 -7.38 9.74 -4.03
N ALA A 155 -6.35 9.16 -4.62
CA ALA A 155 -5.38 9.93 -5.40
C ALA A 155 -4.59 9.03 -6.30
N GLU A 156 -3.95 9.62 -7.31
CA GLU A 156 -3.15 8.84 -8.26
C GLU A 156 -1.74 8.56 -7.71
N ASP A 157 -1.43 9.13 -6.55
CA ASP A 157 -0.12 8.96 -5.94
C ASP A 157 -0.26 8.60 -4.45
N PRO A 158 0.54 7.64 -3.96
CA PRO A 158 0.36 7.22 -2.56
C PRO A 158 0.85 8.22 -1.51
N MET A 159 1.80 9.07 -1.87
N MET A 159 1.80 9.07 -1.87
CA MET A 159 2.29 10.10 -0.95
CA MET A 159 2.29 10.10 -0.95
C MET A 159 1.28 11.23 -0.83
C MET A 159 1.28 11.23 -0.83
N VAL A 160 0.70 11.64 -1.95
CA VAL A 160 -0.39 12.63 -1.90
C VAL A 160 -1.54 12.06 -1.07
N LEU A 161 -1.88 10.81 -1.32
CA LEU A 161 -2.96 10.17 -0.55
C LEU A 161 -2.66 10.15 0.96
N ALA A 162 -1.46 9.72 1.33
CA ALA A 162 -1.14 9.56 2.75
C ALA A 162 -1.12 10.90 3.47
N ALA A 163 -0.65 11.94 2.79
CA ALA A 163 -0.67 13.27 3.40
C ALA A 163 -2.10 13.75 3.63
N ALA A 164 -2.96 13.49 2.66
CA ALA A 164 -4.35 13.94 2.75
C ALA A 164 -5.05 13.22 3.88
N VAL A 165 -4.80 11.92 3.97
CA VAL A 165 -5.39 11.09 5.04
C VAL A 165 -4.92 11.56 6.42
N ASP A 166 -3.63 11.81 6.58
CA ASP A 166 -3.13 12.21 7.89
C ASP A 166 -3.75 13.55 8.31
N GLU A 167 -3.95 14.44 7.35
CA GLU A 167 -4.55 15.75 7.62
C GLU A 167 -6.01 15.61 8.07
N LEU A 168 -6.77 14.79 7.37
CA LEU A 168 -8.19 14.66 7.63
C LEU A 168 -8.47 13.97 8.96
N VAL A 169 -7.73 12.90 9.24
CA VAL A 169 -7.90 12.16 10.48
C VAL A 169 -7.52 13.03 11.68
N ALA A 170 -6.42 13.75 11.56
CA ALA A 170 -5.97 14.62 12.66
C ALA A 170 -6.95 15.76 12.90
N ALA A 171 -7.55 16.27 11.84
CA ALA A 171 -8.43 17.44 11.93
C ALA A 171 -9.62 17.23 12.86
N THR A 172 -10.12 16.01 12.92
CA THR A 172 -11.33 15.73 13.70
C THR A 172 -11.08 14.93 14.97
N ALA A 173 -9.83 14.53 15.20
CA ALA A 173 -9.47 13.99 16.50
C ALA A 173 -9.54 15.16 17.49
N PRO A 174 -10.04 14.92 18.71
CA PRO A 174 -10.45 13.61 19.20
C PRO A 174 -11.95 13.43 19.23
N THR A 175 -12.73 14.25 18.52
CA THR A 175 -14.17 13.98 18.42
C THR A 175 -14.43 12.67 17.69
N THR A 176 -13.53 12.30 16.78
CA THR A 176 -13.64 11.01 16.08
C THR A 176 -12.51 10.05 16.47
N THR A 177 -12.76 8.75 16.29
N THR A 177 -12.76 8.76 16.26
CA THR A 177 -11.73 7.73 16.45
CA THR A 177 -11.77 7.72 16.48
C THR A 177 -11.86 6.71 15.33
C THR A 177 -11.86 6.71 15.32
N VAL A 178 -10.72 6.23 14.83
CA VAL A 178 -10.76 5.28 13.71
C VAL A 178 -11.24 3.90 14.18
N ARG A 179 -12.24 3.37 13.49
CA ARG A 179 -12.79 2.05 13.81
C ARG A 179 -12.10 0.95 12.98
N TRP A 180 -12.02 1.18 11.67
CA TRP A 180 -11.24 0.31 10.79
C TRP A 180 -10.82 1.10 9.57
N SER A 181 -9.82 0.59 8.84
CA SER A 181 -9.46 1.23 7.58
C SER A 181 -8.85 0.24 6.63
N LEU A 182 -8.89 0.56 5.35
CA LEU A 182 -8.22 -0.29 4.37
C LEU A 182 -7.75 0.53 3.19
N ARG A 183 -6.49 0.30 2.81
CA ARG A 183 -5.89 0.93 1.63
C ARG A 183 -5.97 -0.03 0.44
N GLY A 184 -6.20 0.52 -0.74
CA GLY A 184 -6.25 -0.28 -1.95
C GLY A 184 -5.61 0.40 -3.15
N PHE A 185 -5.39 -0.37 -4.21
CA PHE A 185 -4.70 0.14 -5.39
C PHE A 185 -5.24 -0.51 -6.66
N ARG A 186 -4.99 0.18 -7.78
CA ARG A 186 -5.18 -0.34 -9.13
C ARG A 186 -3.89 -0.02 -9.87
N ARG A 187 -3.72 -0.54 -11.07
CA ARG A 187 -2.55 -0.15 -11.87
C ARG A 187 -2.54 1.36 -12.08
N THR A 188 -1.36 1.97 -12.07
CA THR A 188 -1.28 3.41 -12.31
C THR A 188 -1.42 3.72 -13.79
N ALA A 189 -1.96 4.90 -14.09
CA ALA A 189 -2.07 5.33 -15.49
C ALA A 189 -0.68 5.37 -16.14
N ALA A 190 0.33 5.78 -15.37
CA ALA A 190 1.69 5.91 -15.90
C ALA A 190 2.28 4.60 -16.41
N ALA A 191 1.82 3.49 -15.82
CA ALA A 191 2.36 2.18 -16.19
C ALA A 191 1.40 1.38 -17.06
N ALA A 192 0.33 2.02 -17.53
CA ALA A 192 -0.67 1.36 -18.37
C ALA A 192 -0.32 1.51 -19.83
N GLN A 193 -0.23 0.39 -20.56
CA GLN A 193 -0.07 0.45 -22.01
C GLN A 193 -1.21 1.25 -22.64
N ASP A 194 -2.41 1.02 -22.10
CA ASP A 194 -3.59 1.78 -22.50
C ASP A 194 -4.30 2.29 -21.25
N PRO A 195 -4.09 3.57 -20.91
CA PRO A 195 -4.67 4.16 -19.69
C PRO A 195 -6.20 4.14 -19.66
N ASP A 196 -6.84 3.93 -20.81
CA ASP A 196 -8.30 3.85 -20.86
C ASP A 196 -8.83 2.43 -20.69
N ALA A 197 -7.95 1.43 -20.67
CA ALA A 197 -8.40 0.04 -20.53
C ALA A 197 -8.96 -0.21 -19.13
N THR A 198 -9.92 -1.12 -18.99
CA THR A 198 -10.48 -1.31 -17.66
C THR A 198 -9.51 -2.12 -16.80
N PRO A 199 -9.38 -1.72 -15.52
CA PRO A 199 -8.39 -2.34 -14.62
C PRO A 199 -8.68 -3.79 -14.33
N ARG A 200 -7.65 -4.54 -13.94
CA ARG A 200 -7.80 -5.93 -13.53
C ARG A 200 -7.65 -6.10 -12.02
N ASN A 201 -8.15 -7.23 -11.50
CA ASN A 201 -8.02 -7.54 -10.08
C ASN A 201 -6.92 -8.58 -9.84
N LEU A 202 -6.75 -9.01 -8.58
CA LEU A 202 -5.61 -9.87 -8.25
C LEU A 202 -5.79 -11.31 -8.75
N MET A 203 -7.01 -11.65 -9.16
CA MET A 203 -7.24 -12.95 -9.80
C MET A 203 -6.94 -12.89 -11.29
N GLY A 204 -6.58 -11.71 -11.76
CA GLY A 204 -6.24 -11.52 -13.17
C GLY A 204 -7.41 -11.07 -14.04
N GLN A 205 -8.58 -10.94 -13.44
CA GLN A 205 -9.80 -10.67 -14.21
C GLN A 205 -9.99 -9.19 -14.51
N ILE A 206 -10.42 -8.87 -15.73
CA ILE A 206 -10.88 -7.54 -16.03
C ILE A 206 -12.13 -7.30 -15.17
N ASP A 207 -12.17 -6.16 -14.47
CA ASP A 207 -13.19 -5.93 -13.45
C ASP A 207 -13.81 -4.55 -13.62
N GLY A 208 -15.07 -4.52 -14.04
CA GLY A 208 -15.83 -3.28 -14.20
C GLY A 208 -16.62 -3.17 -15.49
N THR A 209 -16.41 -4.12 -16.39
CA THR A 209 -17.00 -4.07 -17.74
C THR A 209 -18.50 -3.73 -17.78
N ALA A 210 -19.30 -4.42 -16.97
CA ALA A 210 -20.74 -4.28 -17.05
C ALA A 210 -21.33 -3.11 -16.28
N ASN A 211 -20.48 -2.30 -15.64
CA ASN A 211 -20.95 -1.04 -15.05
C ASN A 211 -21.62 -0.21 -16.13
N PRO A 212 -22.75 0.42 -15.79
CA PRO A 212 -23.35 1.35 -16.75
C PRO A 212 -22.37 2.45 -17.14
N ALA A 213 -22.41 2.87 -18.41
CA ALA A 213 -21.50 3.90 -18.90
C ALA A 213 -21.72 5.24 -18.20
N GLN A 214 -20.64 5.93 -17.86
CA GLN A 214 -20.77 7.16 -17.07
C GLN A 214 -21.51 8.32 -17.75
N ASP A 215 -21.37 8.45 -19.05
CA ASP A 215 -22.00 9.57 -19.76
C ASP A 215 -23.43 9.28 -20.21
N HIS A 216 -24.16 8.48 -19.42
CA HIS A 216 -25.48 8.01 -19.85
C HIS A 216 -26.50 7.88 -18.70
N PRO A 217 -27.80 7.98 -19.03
CA PRO A 217 -28.85 8.03 -17.99
C PRO A 217 -28.83 6.85 -17.02
N LEU A 218 -28.53 5.66 -17.51
CA LEU A 218 -28.58 4.48 -16.64
C LEU A 218 -27.62 4.61 -15.45
N PHE A 219 -26.46 5.23 -15.66
CA PHE A 219 -25.51 5.39 -14.55
C PHE A 219 -26.16 6.23 -13.47
N THR A 220 -26.71 7.37 -13.86
CA THR A 220 -27.28 8.28 -12.89
C THR A 220 -28.47 7.66 -12.16
N ARG A 221 -29.35 6.99 -12.90
CA ARG A 221 -30.49 6.33 -12.25
C ARG A 221 -30.02 5.28 -11.26
N THR A 222 -28.94 4.59 -11.63
CA THR A 222 -28.40 3.52 -10.81
C THR A 222 -27.84 4.01 -9.47
N VAL A 223 -27.11 5.13 -9.47
CA VAL A 223 -26.43 5.57 -8.25
C VAL A 223 -27.20 6.54 -7.35
N THR A 224 -28.26 7.14 -7.87
CA THR A 224 -28.85 8.30 -7.19
C THR A 224 -30.10 7.96 -6.39
N ALA A 225 -30.13 8.38 -5.13
CA ALA A 225 -31.31 8.17 -4.30
C ALA A 225 -32.41 9.10 -4.78
N PRO A 226 -33.57 8.54 -5.14
CA PRO A 226 -34.67 9.39 -5.59
C PRO A 226 -35.26 10.18 -4.42
N PRO A 227 -36.03 11.23 -4.73
CA PRO A 227 -36.50 12.08 -3.63
C PRO A 227 -37.44 11.36 -2.65
N ALA A 228 -37.22 11.59 -1.36
CA ALA A 228 -38.03 10.98 -0.31
C ALA A 228 -39.46 11.49 -0.30
N ASP A 229 -40.39 10.64 0.15
CA ASP A 229 -41.79 11.00 0.33
C ASP A 229 -41.98 11.91 1.53
N ASP A 230 -41.09 11.81 2.51
CA ASP A 230 -41.24 12.50 3.78
C ASP A 230 -40.02 13.37 4.10
N PRO A 231 -40.25 14.61 4.55
CA PRO A 231 -39.16 15.55 4.83
C PRO A 231 -38.10 14.98 5.77
N ALA A 232 -38.51 14.11 6.69
CA ALA A 232 -37.56 13.51 7.64
C ALA A 232 -36.41 12.77 6.95
N HIS A 233 -36.67 12.28 5.74
CA HIS A 233 -35.67 11.49 5.00
C HIS A 233 -35.06 12.23 3.82
N ALA A 234 -35.47 13.48 3.62
CA ALA A 234 -35.05 14.26 2.46
C ALA A 234 -33.57 14.63 2.43
N TRP A 235 -32.89 14.51 3.56
CA TRP A 235 -31.46 14.82 3.61
C TRP A 235 -30.64 13.95 2.65
N MET A 236 -31.19 12.79 2.27
CA MET A 236 -30.50 11.91 1.33
C MET A 236 -30.96 12.07 -0.12
N ASP A 237 -31.85 13.01 -0.40
CA ASP A 237 -32.26 13.26 -1.78
C ASP A 237 -31.05 13.55 -2.65
N GLY A 238 -30.89 12.75 -3.71
CA GLY A 238 -29.80 12.98 -4.65
C GLY A 238 -28.47 12.39 -4.20
N GLY A 239 -28.46 11.77 -3.02
CA GLY A 239 -27.22 11.18 -2.52
C GLY A 239 -27.03 9.78 -3.10
N SER A 240 -26.03 9.07 -2.61
CA SER A 240 -25.84 7.67 -3.03
C SER A 240 -25.50 6.83 -1.81
N TYR A 241 -25.70 5.53 -1.92
CA TYR A 241 -25.34 4.62 -0.82
C TYR A 241 -24.18 3.74 -1.24
N LEU A 242 -23.20 3.63 -0.34
CA LEU A 242 -22.02 2.82 -0.57
C LEU A 242 -22.12 1.56 0.27
N VAL A 243 -21.98 0.40 -0.37
CA VAL A 243 -21.77 -0.85 0.36
C VAL A 243 -20.30 -1.22 0.16
N VAL A 244 -19.55 -1.31 1.27
CA VAL A 244 -18.16 -1.76 1.24
C VAL A 244 -18.07 -3.19 1.70
N ARG A 245 -17.35 -4.04 0.96
CA ARG A 245 -17.09 -5.39 1.44
C ARG A 245 -15.60 -5.66 1.31
N ARG A 246 -14.96 -6.07 2.40
CA ARG A 246 -13.56 -6.52 2.32
C ARG A 246 -13.58 -8.02 1.99
N ILE A 247 -13.22 -8.37 0.75
CA ILE A 247 -13.36 -9.74 0.28
C ILE A 247 -12.00 -10.38 0.04
N ARG A 248 -11.62 -11.30 0.92
CA ARG A 248 -10.34 -11.99 0.79
C ARG A 248 -10.43 -12.96 -0.39
N MET A 249 -9.38 -12.99 -1.22
CA MET A 249 -9.32 -13.95 -2.31
C MET A 249 -8.45 -15.13 -1.91
N LEU A 250 -8.97 -16.34 -2.14
CA LEU A 250 -8.21 -17.55 -1.84
C LEU A 250 -7.28 -17.83 -3.02
N LEU A 251 -6.20 -17.05 -3.09
CA LEU A 251 -5.34 -17.06 -4.27
C LEU A 251 -4.56 -18.36 -4.42
N ASP A 252 -4.21 -19.00 -3.31
CA ASP A 252 -3.50 -20.28 -3.40
C ASP A 252 -4.38 -21.34 -4.07
N GLU A 253 -5.65 -21.37 -3.69
CA GLU A 253 -6.59 -22.32 -4.31
C GLU A 253 -6.83 -21.94 -5.77
N TRP A 254 -6.95 -20.65 -6.01
CA TRP A 254 -7.17 -20.13 -7.36
C TRP A 254 -6.06 -20.58 -8.32
N ARG A 255 -4.83 -20.58 -7.85
CA ARG A 255 -3.69 -20.94 -8.71
C ARG A 255 -3.71 -22.41 -9.18
N ARG A 256 -4.48 -23.25 -8.50
CA ARG A 256 -4.55 -24.68 -8.88
C ARG A 256 -5.37 -24.89 -10.14
N LEU A 257 -6.17 -23.88 -10.49
CA LEU A 257 -7.05 -23.99 -11.65
C LEU A 257 -6.30 -23.65 -12.91
N ASP A 258 -6.55 -24.40 -13.99
CA ASP A 258 -6.04 -23.99 -15.30
C ASP A 258 -6.86 -22.80 -15.80
N VAL A 259 -6.41 -22.17 -16.87
CA VAL A 259 -7.10 -20.98 -17.38
C VAL A 259 -8.58 -21.21 -17.75
N PRO A 260 -8.90 -22.28 -18.52
CA PRO A 260 -10.30 -22.52 -18.86
C PRO A 260 -11.22 -22.67 -17.66
N ASP A 261 -10.77 -23.35 -16.62
CA ASP A 261 -11.58 -23.48 -15.41
C ASP A 261 -11.72 -22.16 -14.64
N ARG A 262 -10.68 -21.33 -14.66
CA ARG A 262 -10.81 -19.99 -14.07
C ARG A 262 -11.87 -19.18 -14.81
N GLU A 263 -11.86 -19.30 -16.13
CA GLU A 263 -12.82 -18.56 -16.95
C GLU A 263 -14.26 -19.02 -16.69
N ARG A 264 -14.45 -20.32 -16.44
CA ARG A 264 -15.79 -20.85 -16.12
C ARG A 264 -16.36 -20.33 -14.80
N VAL A 265 -15.50 -19.97 -13.85
CA VAL A 265 -15.95 -19.42 -12.58
C VAL A 265 -16.69 -18.10 -12.80
N ILE A 266 -16.12 -17.26 -13.66
CA ILE A 266 -16.67 -15.94 -13.91
C ILE A 266 -17.69 -15.94 -15.05
N GLY A 267 -17.32 -16.58 -16.17
CA GLY A 267 -18.16 -16.59 -17.35
C GLY A 267 -17.60 -15.70 -18.44
N ARG A 268 -16.36 -15.26 -18.28
CA ARG A 268 -15.70 -14.41 -19.26
C ARG A 268 -14.27 -14.87 -19.46
N HIS A 269 -13.70 -14.56 -20.63
CA HIS A 269 -12.31 -14.90 -20.91
C HIS A 269 -11.35 -14.03 -20.10
N LEU A 270 -10.21 -14.61 -19.72
CA LEU A 270 -9.21 -13.84 -18.98
C LEU A 270 -8.43 -12.89 -19.89
N ASP A 271 -8.05 -13.36 -21.06
CA ASP A 271 -7.22 -12.53 -21.95
C ASP A 271 -7.97 -11.30 -22.50
N THR A 272 -9.14 -11.52 -23.06
CA THR A 272 -9.88 -10.45 -23.72
C THR A 272 -10.97 -9.82 -22.86
N GLY A 273 -11.41 -10.54 -21.84
CA GLY A 273 -12.54 -10.09 -21.02
C GLY A 273 -13.89 -10.31 -21.69
N ALA A 274 -13.89 -10.93 -22.87
CA ALA A 274 -15.14 -11.20 -23.57
C ALA A 274 -15.95 -12.25 -22.83
N PRO A 275 -17.29 -12.19 -22.95
CA PRO A 275 -18.09 -13.29 -22.41
C PRO A 275 -17.67 -14.60 -23.09
N LEU A 276 -17.81 -15.73 -22.41
CA LEU A 276 -17.53 -17.00 -23.08
C LEU A 276 -18.50 -17.08 -24.25
N GLY A 277 -17.98 -17.45 -25.41
CA GLY A 277 -18.78 -17.46 -26.63
C GLY A 277 -18.62 -16.22 -27.48
N GLY A 278 -18.04 -15.16 -26.91
CA GLY A 278 -17.85 -13.91 -27.63
C GLY A 278 -16.40 -13.63 -28.02
N GLU A 279 -16.16 -12.46 -28.61
CA GLU A 279 -14.82 -12.11 -29.09
C GLU A 279 -14.21 -10.87 -28.42
N LYS A 280 -15.05 -9.90 -28.06
CA LYS A 280 -14.56 -8.66 -27.45
C LYS A 280 -15.15 -8.42 -26.06
N GLU A 281 -14.42 -7.68 -25.23
CA GLU A 281 -14.89 -7.33 -23.88
C GLU A 281 -16.30 -6.79 -23.86
N THR A 282 -16.64 -5.96 -24.85
CA THR A 282 -17.92 -5.26 -24.86
C THR A 282 -19.06 -6.06 -25.51
N ASP A 283 -18.76 -7.26 -26.01
CA ASP A 283 -19.81 -8.11 -26.57
C ASP A 283 -20.84 -8.42 -25.49
N PRO A 284 -22.14 -8.39 -25.84
CA PRO A 284 -23.17 -8.69 -24.85
C PRO A 284 -23.12 -10.15 -24.44
N VAL A 285 -23.43 -10.42 -23.17
CA VAL A 285 -23.42 -11.77 -22.65
C VAL A 285 -24.62 -12.55 -23.20
N VAL A 286 -24.39 -13.73 -23.79
CA VAL A 286 -25.50 -14.55 -24.31
C VAL A 286 -25.77 -15.74 -23.39
N LEU A 287 -26.79 -15.59 -22.55
CA LEU A 287 -27.04 -16.54 -21.47
C LEU A 287 -27.83 -17.78 -21.91
N THR A 288 -28.24 -17.80 -23.18
CA THR A 288 -29.02 -18.91 -23.73
C THR A 288 -28.18 -19.90 -24.53
N ALA A 289 -26.97 -19.46 -24.91
CA ALA A 289 -26.11 -20.26 -25.76
C ALA A 289 -25.69 -21.61 -25.15
N ARG A 290 -25.72 -22.65 -25.98
CA ARG A 290 -25.24 -23.98 -25.61
C ARG A 290 -24.33 -24.54 -26.71
N ASP A 291 -23.45 -25.48 -26.37
CA ASP A 291 -22.58 -26.08 -27.38
C ASP A 291 -23.23 -27.27 -28.09
N ALA A 292 -22.46 -28.01 -28.88
CA ALA A 292 -22.99 -29.13 -29.63
C ALA A 292 -23.30 -30.38 -28.77
N ASP A 293 -22.90 -30.35 -27.51
CA ASP A 293 -23.24 -31.44 -26.58
C ASP A 293 -24.53 -31.10 -25.83
N GLY A 294 -24.94 -29.83 -25.90
CA GLY A 294 -26.06 -29.37 -25.09
C GLY A 294 -25.60 -28.68 -23.82
N ARG A 295 -24.30 -28.41 -23.72
CA ARG A 295 -23.72 -27.79 -22.53
C ARG A 295 -23.79 -26.26 -22.60
N LEU A 296 -24.23 -25.62 -21.51
CA LEU A 296 -24.29 -24.14 -21.47
C LEU A 296 -22.92 -23.54 -21.72
N VAL A 297 -22.85 -22.50 -22.54
CA VAL A 297 -21.57 -21.87 -22.85
C VAL A 297 -21.08 -21.08 -21.64
N ILE A 298 -22.00 -20.33 -21.02
CA ILE A 298 -21.72 -19.68 -19.75
C ILE A 298 -22.37 -20.52 -18.65
N PRO A 299 -21.56 -21.09 -17.75
CA PRO A 299 -22.04 -22.07 -16.78
C PRO A 299 -23.22 -21.59 -15.93
N GLU A 300 -24.06 -22.53 -15.48
CA GLU A 300 -25.25 -22.16 -14.71
C GLU A 300 -24.91 -21.47 -13.40
N ASP A 301 -23.71 -21.70 -12.88
CA ASP A 301 -23.28 -21.03 -11.66
C ASP A 301 -22.19 -19.99 -11.87
N ALA A 302 -21.97 -19.58 -13.11
CA ALA A 302 -20.98 -18.54 -13.40
C ALA A 302 -21.40 -17.23 -12.74
N HIS A 303 -20.41 -16.52 -12.21
CA HIS A 303 -20.63 -15.27 -11.50
C HIS A 303 -21.47 -14.27 -12.30
N VAL A 304 -21.11 -14.04 -13.55
CA VAL A 304 -21.81 -13.03 -14.34
C VAL A 304 -23.22 -13.45 -14.71
N ARG A 305 -23.49 -14.77 -14.73
CA ARG A 305 -24.86 -15.22 -14.97
C ARG A 305 -25.72 -14.90 -13.76
N LEU A 306 -25.25 -15.24 -12.57
CA LEU A 306 -26.06 -15.03 -11.37
C LEU A 306 -26.19 -13.55 -11.02
N ALA A 307 -25.19 -12.74 -11.40
CA ALA A 307 -25.17 -11.32 -11.05
C ALA A 307 -25.88 -10.43 -12.06
N ASN A 308 -26.25 -11.00 -13.21
CA ASN A 308 -26.92 -10.24 -14.26
C ASN A 308 -28.20 -9.59 -13.74
N PRO A 309 -28.46 -8.33 -14.11
CA PRO A 309 -29.69 -7.66 -13.65
C PRO A 309 -30.95 -8.47 -13.95
N GLU A 310 -30.99 -9.19 -15.06
CA GLU A 310 -32.20 -9.92 -15.37
C GLU A 310 -32.40 -11.23 -14.57
N ASN A 311 -31.37 -11.62 -13.81
CA ASN A 311 -31.53 -12.68 -12.81
C ASN A 311 -31.93 -12.08 -11.46
N ASN A 312 -32.12 -10.76 -11.43
CA ASN A 312 -32.33 -10.04 -10.17
C ASN A 312 -33.40 -8.96 -10.26
N LEU A 313 -34.40 -9.17 -11.11
CA LEU A 313 -35.51 -8.22 -11.27
C LEU A 313 -35.02 -6.79 -11.52
N GLY A 314 -33.91 -6.69 -12.25
CA GLY A 314 -33.39 -5.41 -12.70
C GLY A 314 -32.41 -4.74 -11.75
N ALA A 315 -32.05 -5.41 -10.67
CA ALA A 315 -31.13 -4.82 -9.70
C ALA A 315 -29.79 -4.57 -10.37
N ARG A 316 -29.22 -3.40 -10.09
CA ARG A 316 -27.85 -3.14 -10.52
C ARG A 316 -27.18 -2.11 -9.64
N MET A 317 -25.88 -1.97 -9.84
CA MET A 317 -25.07 -1.09 -9.01
C MET A 317 -23.86 -0.68 -9.83
N VAL A 318 -23.15 0.34 -9.37
CA VAL A 318 -21.87 0.71 -9.96
C VAL A 318 -20.77 0.21 -9.04
N ARG A 319 -19.91 -0.67 -9.55
CA ARG A 319 -18.82 -1.25 -8.77
C ARG A 319 -17.54 -0.47 -9.03
N ARG A 320 -16.94 0.06 -7.95
CA ARG A 320 -15.75 0.91 -8.04
C ARG A 320 -14.77 0.41 -6.98
N GLY A 321 -14.25 -0.79 -7.20
CA GLY A 321 -13.43 -1.46 -6.21
C GLY A 321 -11.94 -1.32 -6.44
N TYR A 322 -11.16 -1.77 -5.45
CA TYR A 322 -9.70 -1.66 -5.49
C TYR A 322 -9.11 -2.97 -5.00
N ASN A 323 -7.87 -3.25 -5.37
CA ASN A 323 -7.16 -4.41 -4.87
C ASN A 323 -6.51 -4.07 -3.53
N TYR A 324 -6.46 -5.02 -2.60
CA TYR A 324 -5.65 -4.78 -1.39
C TYR A 324 -4.64 -5.89 -1.16
N ASP A 325 -3.54 -5.52 -0.50
CA ASP A 325 -2.49 -6.48 -0.18
C ASP A 325 -2.00 -6.20 1.23
N GLU A 326 -2.34 -7.11 2.14
CA GLU A 326 -1.93 -6.99 3.53
C GLU A 326 -1.05 -8.15 3.94
N GLY A 327 -0.28 -8.67 2.98
CA GLY A 327 0.73 -9.66 3.27
C GLY A 327 0.16 -11.02 3.69
N TRP A 328 0.72 -11.56 4.77
CA TRP A 328 0.34 -12.90 5.28
C TRP A 328 -0.04 -12.79 6.76
N ARG A 329 -1.14 -13.44 7.13
CA ARG A 329 -1.58 -13.49 8.53
C ARG A 329 -0.66 -14.39 9.33
N ASP A 330 -0.79 -14.36 10.66
CA ASP A 330 0.01 -15.21 11.52
C ASP A 330 -0.22 -16.69 11.22
N ASP A 331 -1.43 -17.02 10.77
CA ASP A 331 -1.76 -18.41 10.48
C ASP A 331 -1.29 -18.84 9.10
N GLY A 332 -0.61 -17.94 8.38
CA GLY A 332 -0.03 -18.27 7.10
C GLY A 332 -0.86 -17.90 5.90
N VAL A 333 -2.12 -17.54 6.14
CA VAL A 333 -3.03 -17.26 5.04
C VAL A 333 -2.70 -15.93 4.35
N ARG A 334 -2.76 -15.92 3.02
CA ARG A 334 -2.51 -14.68 2.26
C ARG A 334 -3.67 -13.72 2.48
N ASP A 335 -3.37 -12.53 3.00
CA ASP A 335 -4.40 -11.54 3.28
C ASP A 335 -4.39 -10.51 2.18
N ALA A 336 -5.06 -10.84 1.08
CA ALA A 336 -5.12 -10.00 -0.10
C ALA A 336 -6.46 -10.26 -0.76
N GLY A 337 -6.94 -9.30 -1.55
CA GLY A 337 -8.22 -9.53 -2.20
C GLY A 337 -8.80 -8.27 -2.82
N LEU A 338 -10.13 -8.18 -2.76
CA LEU A 338 -10.84 -7.09 -3.40
C LEU A 338 -11.50 -6.23 -2.34
N LEU A 339 -11.14 -4.95 -2.31
CA LEU A 339 -11.89 -3.96 -1.55
C LEU A 339 -13.08 -3.59 -2.45
N PHE A 340 -14.19 -4.30 -2.26
CA PHE A 340 -15.37 -4.16 -3.08
C PHE A 340 -16.17 -2.94 -2.61
N MET A 341 -16.57 -2.10 -3.56
CA MET A 341 -17.34 -0.90 -3.24
C MET A 341 -18.46 -0.73 -4.26
N ALA A 342 -19.69 -0.91 -3.81
CA ALA A 342 -20.86 -0.81 -4.69
C ALA A 342 -21.63 0.46 -4.39
N TRP A 343 -21.92 1.24 -5.43
CA TRP A 343 -22.70 2.47 -5.30
C TRP A 343 -24.09 2.29 -5.89
N GLN A 344 -25.12 2.77 -5.18
CA GLN A 344 -26.49 2.63 -5.69
C GLN A 344 -27.42 3.60 -4.96
N GLY A 345 -28.55 3.90 -5.59
CA GLY A 345 -29.55 4.76 -4.99
C GLY A 345 -30.28 4.12 -3.83
N ASN A 346 -30.24 2.79 -3.78
CA ASN A 346 -30.97 2.03 -2.78
C ASN A 346 -30.40 0.63 -2.74
N PRO A 347 -29.76 0.24 -1.62
CA PRO A 347 -29.20 -1.12 -1.54
C PRO A 347 -30.21 -2.22 -1.81
N ALA A 348 -31.49 -1.94 -1.55
CA ALA A 348 -32.53 -2.94 -1.75
C ALA A 348 -32.77 -3.25 -3.22
N THR A 349 -32.38 -2.34 -4.11
CA THR A 349 -32.49 -2.56 -5.55
C THR A 349 -31.13 -2.62 -6.22
N GLY A 350 -30.10 -2.86 -5.41
CA GLY A 350 -28.74 -2.94 -5.91
C GLY A 350 -28.00 -4.13 -5.33
N PHE A 351 -27.03 -3.85 -4.46
CA PHE A 351 -26.22 -4.88 -3.83
C PHE A 351 -27.01 -6.02 -3.21
N VAL A 352 -28.04 -5.70 -2.43
CA VAL A 352 -28.69 -6.73 -1.61
C VAL A 352 -29.30 -7.88 -2.39
N PRO A 353 -30.20 -7.60 -3.35
CA PRO A 353 -30.77 -8.76 -4.04
C PRO A 353 -29.75 -9.52 -4.88
N VAL A 354 -28.74 -8.84 -5.42
CA VAL A 354 -27.69 -9.55 -6.16
C VAL A 354 -26.89 -10.46 -5.23
N GLN A 355 -26.47 -9.95 -4.08
CA GLN A 355 -25.72 -10.78 -3.12
C GLN A 355 -26.55 -12.01 -2.70
N ARG A 356 -27.85 -11.83 -2.50
CA ARG A 356 -28.72 -12.96 -2.17
C ARG A 356 -28.68 -14.02 -3.25
N SER A 357 -28.69 -13.61 -4.52
CA SER A 357 -28.59 -14.57 -5.62
C SER A 357 -27.25 -15.31 -5.63
N LEU A 358 -26.15 -14.57 -5.45
CA LEU A 358 -24.83 -15.20 -5.44
C LEU A 358 -24.74 -16.27 -4.36
N VAL A 359 -25.32 -15.96 -3.19
CA VAL A 359 -25.28 -16.90 -2.06
C VAL A 359 -26.22 -18.07 -2.30
N GLU A 360 -27.49 -17.77 -2.57
CA GLU A 360 -28.51 -18.83 -2.61
C GLU A 360 -28.40 -19.75 -3.84
N GLN A 361 -27.89 -19.22 -4.94
CA GLN A 361 -27.73 -20.01 -6.17
C GLN A 361 -26.31 -20.55 -6.37
N GLY A 362 -25.46 -20.39 -5.36
CA GLY A 362 -24.18 -21.09 -5.34
C GLY A 362 -23.17 -20.64 -6.37
N ASP A 363 -22.94 -19.33 -6.43
CA ASP A 363 -21.92 -18.72 -7.28
C ASP A 363 -20.63 -19.53 -7.23
N ALA A 364 -20.09 -19.88 -8.40
CA ALA A 364 -18.84 -20.62 -8.48
C ALA A 364 -17.70 -19.86 -7.81
N LEU A 365 -17.87 -18.55 -7.70
CA LEU A 365 -16.86 -17.69 -7.08
C LEU A 365 -16.86 -17.78 -5.55
N ASN A 366 -17.94 -18.29 -4.95
CA ASN A 366 -18.04 -18.34 -3.49
C ASN A 366 -16.89 -19.08 -2.82
N ARG A 367 -16.47 -20.19 -3.41
CA ARG A 367 -15.46 -21.01 -2.77
C ARG A 367 -14.07 -20.36 -2.80
N TYR A 368 -13.91 -19.33 -3.64
CA TYR A 368 -12.61 -18.66 -3.76
C TYR A 368 -12.57 -17.32 -3.06
N THR A 369 -13.62 -16.99 -2.30
CA THR A 369 -13.72 -15.67 -1.68
C THR A 369 -14.26 -15.76 -0.25
N ARG A 370 -13.82 -14.85 0.62
CA ARG A 370 -14.40 -14.76 1.97
C ARG A 370 -14.67 -13.30 2.34
N HIS A 371 -15.94 -12.97 2.55
CA HIS A 371 -16.29 -11.60 2.95
C HIS A 371 -15.97 -11.42 4.44
N GLU A 372 -14.97 -10.59 4.73
CA GLU A 372 -14.44 -10.47 6.08
C GLU A 372 -14.74 -9.12 6.74
N GLY A 373 -15.15 -8.13 5.95
CA GLY A 373 -15.56 -6.85 6.50
C GLY A 373 -16.69 -6.28 5.66
N SER A 374 -17.52 -5.43 6.27
CA SER A 374 -18.71 -4.94 5.59
C SER A 374 -19.22 -3.66 6.24
N ALA A 375 -19.69 -2.71 5.43
CA ALA A 375 -20.34 -1.52 5.99
C ALA A 375 -21.26 -0.89 4.97
N LEU A 376 -22.26 -0.15 5.46
CA LEU A 376 -23.14 0.62 4.59
C LEU A 376 -23.05 2.08 5.02
N PHE A 377 -22.83 2.98 4.06
CA PHE A 377 -22.77 4.41 4.36
C PHE A 377 -23.64 5.21 3.42
N ALA A 378 -24.33 6.19 3.99
CA ALA A 378 -25.11 7.14 3.21
C ALA A 378 -24.20 8.29 2.83
N VAL A 379 -24.16 8.61 1.54
CA VAL A 379 -23.30 9.69 1.05
C VAL A 379 -24.14 10.82 0.44
N PRO A 380 -24.42 11.87 1.22
CA PRO A 380 -25.38 12.90 0.79
C PRO A 380 -24.85 13.76 -0.35
N ALA A 381 -25.76 14.38 -1.10
CA ALA A 381 -25.38 15.29 -2.17
C ALA A 381 -24.80 16.58 -1.61
N ALA A 382 -23.68 16.99 -2.19
CA ALA A 382 -23.09 18.28 -1.87
C ALA A 382 -23.97 19.40 -2.41
N THR A 383 -24.07 20.49 -1.64
CA THR A 383 -24.71 21.70 -2.14
C THR A 383 -23.90 22.94 -1.81
N ALA A 384 -24.23 24.03 -2.50
CA ALA A 384 -23.59 25.35 -2.38
C ALA A 384 -22.56 25.53 -1.26
N ASP A 385 -23.01 26.13 -0.17
CA ASP A 385 -22.14 26.40 0.97
C ASP A 385 -22.66 25.67 2.21
N ARG A 386 -22.94 24.39 2.02
CA ARG A 386 -23.31 23.51 3.12
C ARG A 386 -22.40 22.28 3.09
N TYR A 387 -22.27 21.62 4.23
CA TYR A 387 -21.47 20.41 4.30
C TYR A 387 -22.39 19.18 4.17
N PRO A 388 -21.85 18.05 3.69
CA PRO A 388 -22.65 16.82 3.61
C PRO A 388 -23.22 16.43 4.98
N GLY A 389 -24.53 16.26 5.05
CA GLY A 389 -25.19 15.92 6.29
C GLY A 389 -25.67 17.11 7.12
N GLN A 390 -25.44 18.32 6.63
CA GLN A 390 -25.85 19.51 7.38
C GLN A 390 -27.38 19.56 7.54
N ASP A 391 -28.10 19.10 6.52
CA ASP A 391 -29.57 18.98 6.57
C ASP A 391 -29.99 18.07 7.71
N LEU A 392 -29.21 17.03 7.96
CA LEU A 392 -29.53 16.04 8.99
C LEU A 392 -29.14 16.54 10.38
N VAL A 393 -27.91 17.03 10.51
CA VAL A 393 -27.38 17.38 11.83
C VAL A 393 -27.98 18.68 12.39
N GLU A 394 -28.19 19.67 11.54
CA GLU A 394 -28.85 20.91 11.97
C GLU A 394 -30.35 20.73 12.07
N PRO B 20 9.44 17.77 -21.56
CA PRO B 20 10.82 17.32 -21.32
C PRO B 20 10.95 16.68 -19.94
N VAL B 21 10.36 17.32 -18.92
CA VAL B 21 10.21 16.70 -17.62
C VAL B 21 9.17 15.60 -17.76
N ASP B 22 8.34 15.71 -18.79
CA ASP B 22 7.29 14.72 -19.05
C ASP B 22 7.88 13.33 -19.30
N ALA B 23 8.95 13.26 -20.07
CA ALA B 23 9.63 11.98 -20.27
C ALA B 23 10.28 11.49 -18.98
N GLN B 24 10.83 12.42 -18.20
CA GLN B 24 11.36 12.07 -16.88
C GLN B 24 10.28 11.49 -15.98
N ARG B 25 9.09 12.09 -16.02
CA ARG B 25 7.99 11.61 -15.17
C ARG B 25 7.49 10.24 -15.59
N LEU B 26 7.64 9.91 -16.87
CA LEU B 26 7.19 8.61 -17.37
C LEU B 26 8.28 7.53 -17.36
N ASP B 27 9.52 7.93 -17.12
CA ASP B 27 10.66 7.04 -17.33
C ASP B 27 10.68 5.81 -16.41
N MET B 28 10.38 6.00 -15.13
CA MET B 28 10.45 4.87 -14.20
C MET B 28 9.39 3.82 -14.50
N ALA B 29 8.22 4.26 -14.95
CA ALA B 29 7.14 3.34 -15.26
C ALA B 29 7.42 2.61 -16.57
N ARG B 30 8.14 3.26 -17.47
CA ARG B 30 8.33 2.77 -18.83
C ARG B 30 9.50 1.79 -18.99
N ARG B 31 10.57 2.02 -18.24
CA ARG B 31 11.83 1.29 -18.47
C ARG B 31 11.93 -0.03 -17.72
N ARG B 32 12.81 -0.91 -18.20
CA ARG B 32 13.21 -2.09 -17.45
C ARG B 32 14.31 -1.70 -16.47
N ALA B 33 14.39 -2.39 -15.33
CA ALA B 33 15.51 -2.19 -14.43
C ALA B 33 16.79 -2.71 -15.08
N ASP B 34 17.95 -2.24 -14.62
CA ASP B 34 19.23 -2.82 -15.04
C ASP B 34 19.45 -4.13 -14.29
N ALA B 35 19.30 -5.25 -14.97
CA ALA B 35 19.38 -6.54 -14.29
C ALA B 35 20.81 -6.91 -13.93
N ASN B 36 21.78 -6.17 -14.48
CA ASN B 36 23.20 -6.42 -14.21
C ASN B 36 23.79 -5.53 -13.13
N ALA B 37 22.92 -4.77 -12.46
CA ALA B 37 23.35 -3.90 -11.35
C ALA B 37 24.03 -4.72 -10.25
N ALA B 38 25.12 -4.20 -9.71
CA ALA B 38 25.92 -4.93 -8.72
C ALA B 38 25.71 -4.41 -7.31
N PRO B 39 25.78 -5.30 -6.30
CA PRO B 39 25.97 -6.76 -6.43
C PRO B 39 24.74 -7.46 -6.99
N GLN B 40 23.55 -6.89 -6.75
CA GLN B 40 22.31 -7.36 -7.34
C GLN B 40 21.45 -6.10 -7.52
N PRO B 41 20.40 -6.19 -8.35
CA PRO B 41 19.45 -5.07 -8.46
C PRO B 41 18.84 -4.77 -7.10
N GLY B 42 18.46 -3.52 -6.86
CA GLY B 42 17.76 -3.17 -5.63
C GLY B 42 18.62 -2.41 -4.63
N ILE B 43 19.79 -1.96 -5.06
CA ILE B 43 20.71 -1.26 -4.18
C ILE B 43 21.11 0.07 -4.82
N SER B 44 21.70 0.00 -6.01
CA SER B 44 22.11 1.18 -6.75
C SER B 44 21.04 1.60 -7.77
N GLY B 45 21.26 2.72 -8.43
CA GLY B 45 20.32 3.17 -9.46
C GLY B 45 19.13 3.88 -8.85
N ARG B 46 18.24 4.40 -9.71
CA ARG B 46 17.02 5.03 -9.22
C ARG B 46 16.14 3.98 -8.54
N ALA B 47 15.61 4.32 -7.37
CA ALA B 47 14.73 3.39 -6.66
C ALA B 47 13.29 3.52 -7.15
N PRO B 48 12.61 2.38 -7.41
CA PRO B 48 11.20 2.42 -7.81
C PRO B 48 10.31 2.91 -6.68
N ALA B 49 9.10 3.34 -7.00
CA ALA B 49 8.23 3.95 -6.00
C ALA B 49 7.67 2.96 -4.98
N PHE B 50 7.64 1.68 -5.30
CA PHE B 50 7.04 0.67 -4.41
C PHE B 50 8.00 -0.46 -4.08
N VAL B 51 7.88 -1.00 -2.87
CA VAL B 51 8.68 -2.14 -2.45
C VAL B 51 7.84 -3.14 -1.65
N HIS B 52 8.22 -4.41 -1.71
CA HIS B 52 7.65 -5.41 -0.81
C HIS B 52 8.84 -6.22 -0.33
N VAL B 53 9.11 -6.13 0.98
CA VAL B 53 10.21 -6.90 1.57
C VAL B 53 9.61 -8.11 2.23
N ILE B 54 10.13 -9.29 1.90
CA ILE B 54 9.58 -10.53 2.44
C ILE B 54 10.69 -11.37 3.06
N ALA B 55 10.52 -11.72 4.33
CA ALA B 55 11.47 -12.62 5.00
C ALA B 55 10.86 -14.02 5.05
N PHE B 56 11.67 -15.03 4.75
CA PHE B 56 11.20 -16.41 4.73
C PHE B 56 12.00 -17.28 5.68
N ASP B 57 11.38 -18.35 6.18
CA ASP B 57 12.14 -19.41 6.84
C ASP B 57 12.06 -20.68 6.01
N LEU B 58 13.08 -21.54 6.11
CA LEU B 58 12.95 -22.89 5.58
C LEU B 58 11.90 -23.64 6.39
N ALA B 59 11.02 -24.36 5.71
CA ALA B 59 10.00 -25.18 6.39
C ALA B 59 10.63 -26.42 7.01
N GLU B 60 9.93 -26.99 7.99
CA GLU B 60 10.33 -28.24 8.60
C GLU B 60 9.79 -29.39 7.75
N PRO B 61 10.31 -30.62 7.93
CA PRO B 61 11.46 -30.94 8.80
C PRO B 61 12.79 -30.81 8.07
N ALA B 62 12.76 -30.29 6.84
CA ALA B 62 13.99 -30.03 6.09
C ALA B 62 14.94 -29.12 6.86
N ARG B 63 14.40 -28.09 7.49
CA ARG B 63 15.22 -27.16 8.27
C ARG B 63 15.94 -27.84 9.44
N ALA B 64 15.34 -28.89 9.99
CA ALA B 64 15.88 -29.53 11.20
C ALA B 64 17.05 -30.49 10.94
N GLU B 65 17.38 -30.70 9.68
CA GLU B 65 18.51 -31.57 9.33
C GLU B 65 19.42 -30.83 8.35
N PRO B 66 20.71 -30.67 8.71
CA PRO B 66 21.65 -29.85 7.95
C PRO B 66 21.73 -30.16 6.46
N ALA B 67 21.80 -31.43 6.09
CA ALA B 67 21.85 -31.79 4.68
C ALA B 67 20.57 -31.37 3.95
N ALA B 68 19.42 -31.62 4.58
CA ALA B 68 18.14 -31.22 4.00
C ALA B 68 18.01 -29.69 3.90
N ALA B 69 18.56 -28.99 4.89
CA ALA B 69 18.48 -27.54 4.93
C ALA B 69 19.33 -26.95 3.80
N ARG B 70 20.50 -27.53 3.57
CA ARG B 70 21.36 -27.11 2.48
C ARG B 70 20.67 -27.35 1.13
N GLU B 71 20.04 -28.51 0.99
CA GLU B 71 19.30 -28.83 -0.22
C GLU B 71 18.12 -27.89 -0.41
N GLY B 72 17.43 -27.57 0.70
CA GLY B 72 16.32 -26.64 0.66
C GLY B 72 16.74 -25.24 0.26
N ALA B 73 17.84 -24.78 0.83
CA ALA B 73 18.39 -23.48 0.47
C ALA B 73 18.73 -23.42 -1.01
N ALA B 74 19.40 -24.45 -1.52
CA ALA B 74 19.74 -24.51 -2.94
C ALA B 74 18.50 -24.39 -3.81
N THR B 75 17.46 -25.15 -3.47
CA THR B 75 16.21 -25.14 -4.21
C THR B 75 15.57 -23.75 -4.26
N ALA B 76 15.48 -23.11 -3.10
CA ALA B 76 14.82 -21.81 -3.02
C ALA B 76 15.63 -20.75 -3.77
N LEU B 77 16.92 -20.68 -3.47
CA LEU B 77 17.77 -19.64 -4.08
C LEU B 77 17.85 -19.76 -5.61
N ARG B 78 17.98 -20.99 -6.12
CA ARG B 78 18.01 -21.20 -7.57
C ARG B 78 16.68 -20.84 -8.21
N THR B 79 15.58 -21.26 -7.58
CA THR B 79 14.26 -21.00 -8.12
C THR B 79 13.98 -19.49 -8.21
N TRP B 80 14.25 -18.77 -7.12
CA TRP B 80 14.05 -17.32 -7.14
C TRP B 80 14.96 -16.65 -8.19
N ALA B 81 16.18 -17.13 -8.33
CA ALA B 81 17.09 -16.56 -9.31
C ALA B 81 16.58 -16.79 -10.74
N GLU B 82 16.05 -17.98 -10.99
CA GLU B 82 15.46 -18.28 -12.30
C GLU B 82 14.28 -17.38 -12.63
N HIS B 83 13.39 -17.20 -11.66
CA HIS B 83 12.24 -16.33 -11.86
C HIS B 83 12.64 -14.87 -11.97
N ALA B 84 13.64 -14.45 -11.20
CA ALA B 84 14.10 -13.07 -11.25
C ALA B 84 14.62 -12.76 -12.64
N ALA B 85 15.32 -13.71 -13.24
CA ALA B 85 15.83 -13.52 -14.60
C ALA B 85 14.70 -13.27 -15.58
N ARG B 86 13.65 -14.08 -15.49
CA ARG B 86 12.50 -13.94 -16.39
C ARG B 86 11.70 -12.67 -16.10
N LEU B 87 11.51 -12.37 -14.80
CA LEU B 87 10.78 -11.16 -14.40
C LEU B 87 11.49 -9.91 -14.88
N HIS B 88 12.82 -9.88 -14.73
CA HIS B 88 13.62 -8.74 -15.19
C HIS B 88 13.48 -8.57 -16.71
N ALA B 89 13.46 -9.68 -17.43
CA ALA B 89 13.43 -9.64 -18.88
C ALA B 89 12.03 -9.42 -19.46
N ASP B 90 11.02 -10.07 -18.88
CA ASP B 90 9.70 -10.16 -19.49
C ASP B 90 8.53 -9.69 -18.64
N GLY B 91 8.78 -9.41 -17.36
CA GLY B 91 7.71 -9.07 -16.45
C GLY B 91 6.98 -10.31 -15.95
N PRO B 92 5.97 -10.12 -15.07
CA PRO B 92 5.25 -11.25 -14.49
C PRO B 92 4.40 -12.03 -15.48
N GLU B 93 4.23 -13.33 -15.21
CA GLU B 93 3.47 -14.25 -16.06
C GLU B 93 1.96 -13.98 -16.09
N GLY B 94 1.39 -13.69 -14.93
CA GLY B 94 -0.06 -13.68 -14.77
C GLY B 94 -0.89 -12.79 -15.68
N ALA B 95 -2.19 -13.00 -15.68
CA ALA B 95 -3.12 -12.09 -16.36
C ALA B 95 -3.24 -10.82 -15.55
N ALA B 96 -2.94 -10.90 -14.25
CA ALA B 96 -3.06 -9.74 -13.35
C ALA B 96 -2.21 -8.55 -13.80
N SER B 97 -1.06 -8.84 -14.41
CA SER B 97 -0.17 -7.78 -14.88
C SER B 97 -0.24 -7.55 -16.40
N ALA B 98 -1.24 -8.14 -17.06
CA ALA B 98 -1.41 -7.93 -18.49
C ALA B 98 -1.64 -6.45 -18.82
N GLY B 99 -1.07 -5.99 -19.94
CA GLY B 99 -1.28 -4.62 -20.39
C GLY B 99 -0.52 -3.57 -19.60
N LEU B 100 0.44 -4.00 -18.78
CA LEU B 100 1.24 -3.07 -17.99
C LEU B 100 2.66 -2.97 -18.52
N LEU B 101 3.27 -1.79 -18.32
CA LEU B 101 4.65 -1.53 -18.72
C LEU B 101 5.62 -2.18 -17.72
N PRO B 102 6.93 -2.22 -18.04
CA PRO B 102 7.85 -2.95 -17.17
C PRO B 102 8.01 -2.37 -15.77
N ALA B 103 7.86 -1.06 -15.64
CA ALA B 103 7.83 -0.39 -14.33
C ALA B 103 9.05 -0.68 -13.44
N SER B 104 10.22 -0.80 -14.05
CA SER B 104 11.48 -0.91 -13.30
C SER B 104 11.50 -2.08 -12.32
N LEU B 105 10.83 -3.17 -12.67
CA LEU B 105 10.71 -4.32 -11.77
C LEU B 105 12.08 -4.91 -11.45
N MET B 106 12.36 -5.06 -10.16
CA MET B 106 13.66 -5.57 -9.72
C MET B 106 13.52 -6.49 -8.52
N VAL B 107 14.36 -7.52 -8.48
CA VAL B 107 14.33 -8.54 -7.44
C VAL B 107 15.71 -8.70 -6.80
N THR B 108 15.76 -8.60 -5.47
CA THR B 108 16.99 -8.79 -4.69
C THR B 108 16.85 -10.02 -3.81
N ILE B 109 17.91 -10.85 -3.74
CA ILE B 109 17.85 -12.09 -2.98
C ILE B 109 18.88 -12.08 -1.84
N GLY B 110 18.43 -12.34 -0.62
CA GLY B 110 19.34 -12.29 0.52
C GLY B 110 19.28 -13.50 1.43
N ILE B 111 20.27 -13.60 2.31
CA ILE B 111 20.49 -14.79 3.13
C ILE B 111 20.73 -14.38 4.58
N GLY B 112 20.04 -15.02 5.52
CA GLY B 112 20.20 -14.70 6.92
C GLY B 112 21.23 -15.58 7.62
N GLY B 113 21.80 -15.08 8.71
CA GLY B 113 22.74 -15.88 9.48
C GLY B 113 22.15 -17.20 9.94
N SER B 114 20.87 -17.21 10.28
CA SER B 114 20.21 -18.42 10.76
C SER B 114 20.16 -19.54 9.71
N LEU B 115 20.24 -19.17 8.43
CA LEU B 115 20.32 -20.19 7.38
C LEU B 115 21.61 -20.97 7.51
N LEU B 116 22.71 -20.25 7.76
CA LEU B 116 24.00 -20.91 7.89
C LEU B 116 24.02 -21.80 9.12
N GLU B 117 23.35 -21.36 10.19
CA GLU B 117 23.24 -22.20 11.39
C GLU B 117 22.47 -23.49 11.10
N ALA B 118 21.36 -23.38 10.38
CA ALA B 118 20.57 -24.56 10.02
C ALA B 118 21.35 -25.53 9.13
N MET B 119 22.26 -25.00 8.31
CA MET B 119 23.07 -25.84 7.43
C MET B 119 24.32 -26.37 8.13
N ASP B 120 24.45 -26.07 9.43
CA ASP B 120 25.65 -26.45 10.20
C ASP B 120 26.88 -25.90 9.47
N ALA B 121 26.81 -24.61 9.13
CA ALA B 121 27.86 -23.97 8.35
C ALA B 121 28.38 -22.69 8.99
N ALA B 122 28.54 -22.71 10.31
CA ALA B 122 29.02 -21.53 11.03
C ALA B 122 30.42 -21.12 10.56
N ASP B 123 31.16 -22.08 10.00
CA ASP B 123 32.49 -21.80 9.48
C ASP B 123 32.45 -20.95 8.20
N ARG B 124 31.28 -20.87 7.57
CA ARG B 124 31.11 -20.06 6.36
C ARG B 124 30.58 -18.67 6.69
N ARG B 125 30.38 -18.39 7.97
CA ARG B 125 29.71 -17.16 8.39
C ARG B 125 30.70 -16.01 8.62
N PRO B 126 30.67 -14.97 7.77
CA PRO B 126 31.58 -13.84 7.95
C PRO B 126 31.26 -13.09 9.23
N ASP B 127 32.27 -12.44 9.82
CA ASP B 127 32.03 -11.62 11.02
C ASP B 127 30.95 -10.56 10.76
N ALA B 128 30.88 -10.07 9.53
CA ALA B 128 29.90 -9.03 9.18
C ALA B 128 28.46 -9.53 9.26
N LEU B 129 28.29 -10.85 9.26
CA LEU B 129 26.95 -11.44 9.39
C LEU B 129 26.60 -11.76 10.85
N ALA B 130 27.38 -11.26 11.80
CA ALA B 130 27.06 -11.46 13.22
C ALA B 130 25.71 -10.80 13.54
N ASP B 131 24.95 -11.40 14.44
CA ASP B 131 23.66 -10.80 14.84
C ASP B 131 23.84 -9.35 15.30
N LEU B 132 22.84 -8.53 15.01
CA LEU B 132 22.84 -7.14 15.47
C LEU B 132 22.70 -7.12 16.99
N PRO B 133 23.30 -6.12 17.65
CA PRO B 133 23.17 -6.00 19.10
C PRO B 133 21.74 -5.66 19.47
N GLU B 134 21.37 -5.89 20.73
CA GLU B 134 20.15 -5.32 21.27
C GLU B 134 20.43 -3.87 21.63
N PHE B 135 19.46 -2.99 21.43
CA PHE B 135 19.60 -1.59 21.83
C PHE B 135 18.54 -1.25 22.86
N ALA B 136 18.86 -0.31 23.76
CA ALA B 136 17.96 0.04 24.86
C ALA B 136 16.57 0.53 24.42
N THR B 137 16.51 1.15 23.26
CA THR B 137 15.25 1.68 22.73
C THR B 137 14.43 0.65 21.97
N ASP B 138 14.97 -0.55 21.77
CA ASP B 138 14.26 -1.58 20.98
C ASP B 138 12.87 -1.85 21.54
N ASP B 139 11.89 -2.02 20.66
CA ASP B 139 10.57 -2.51 21.06
C ASP B 139 10.14 -3.56 20.05
N LEU B 140 11.00 -4.57 19.86
CA LEU B 140 10.87 -5.52 18.77
C LEU B 140 9.81 -6.62 19.00
N ARG B 141 9.07 -6.92 17.94
CA ARG B 141 8.18 -8.10 17.92
C ARG B 141 8.98 -9.24 17.29
N PRO B 142 9.17 -10.34 18.03
CA PRO B 142 10.02 -11.43 17.52
C PRO B 142 9.67 -11.97 16.13
N ARG B 143 8.38 -12.05 15.82
N ARG B 143 8.39 -12.07 15.80
CA ARG B 143 7.96 -12.61 14.54
CA ARG B 143 8.00 -12.60 14.50
C ARG B 143 8.11 -11.62 13.39
C ARG B 143 8.20 -11.61 13.37
N TRP B 144 8.46 -10.37 13.73
CA TRP B 144 8.77 -9.34 12.73
C TRP B 144 10.28 -9.15 12.62
N CYS B 145 11.04 -10.09 13.18
CA CYS B 145 12.50 -10.00 13.13
C CYS B 145 13.14 -11.20 12.47
N GLY B 146 14.30 -10.99 11.86
CA GLY B 146 15.08 -12.10 11.33
C GLY B 146 14.53 -12.79 10.10
N GLY B 147 14.94 -14.04 9.91
CA GLY B 147 14.57 -14.79 8.72
C GLY B 147 15.75 -15.55 8.13
N ASP B 148 15.50 -16.74 7.62
CA ASP B 148 16.55 -17.50 6.93
C ASP B 148 16.92 -16.89 5.58
N LEU B 149 15.91 -16.33 4.91
CA LEU B 149 16.03 -15.87 3.53
C LEU B 149 15.21 -14.59 3.32
N MET B 150 15.56 -13.81 2.31
N MET B 150 15.56 -13.83 2.29
CA MET B 150 14.85 -12.57 2.04
CA MET B 150 14.90 -12.56 2.02
C MET B 150 14.68 -12.32 0.55
C MET B 150 14.69 -12.32 0.53
N LEU B 151 13.53 -11.78 0.17
CA LEU B 151 13.34 -11.18 -1.15
C LEU B 151 12.99 -9.70 -0.96
N GLN B 152 13.64 -8.83 -1.73
CA GLN B 152 13.20 -7.45 -1.85
C GLN B 152 12.69 -7.33 -3.28
N VAL B 153 11.41 -7.02 -3.44
CA VAL B 153 10.83 -6.87 -4.77
C VAL B 153 10.40 -5.43 -4.93
N GLY B 154 10.79 -4.78 -6.02
CA GLY B 154 10.46 -3.38 -6.20
C GLY B 154 9.90 -3.12 -7.59
N ALA B 155 9.02 -2.14 -7.70
CA ALA B 155 8.50 -1.72 -9.00
C ALA B 155 7.89 -0.35 -8.90
N GLU B 156 7.73 0.31 -10.03
CA GLU B 156 7.14 1.65 -10.06
C GLU B 156 5.60 1.57 -10.06
N ASP B 157 5.07 0.36 -10.14
CA ASP B 157 3.62 0.17 -10.17
C ASP B 157 3.21 -0.93 -9.19
N PRO B 158 2.13 -0.70 -8.40
CA PRO B 158 1.77 -1.66 -7.34
C PRO B 158 1.17 -2.97 -7.88
N MET B 159 0.57 -2.94 -9.06
N MET B 159 0.58 -2.91 -9.07
CA MET B 159 0.01 -4.17 -9.64
CA MET B 159 -0.01 -4.08 -9.72
C MET B 159 1.12 -5.04 -10.25
C MET B 159 1.09 -4.99 -10.26
N VAL B 160 2.08 -4.41 -10.92
CA VAL B 160 3.26 -5.13 -11.38
C VAL B 160 3.94 -5.77 -10.18
N LEU B 161 4.10 -5.00 -9.12
CA LEU B 161 4.74 -5.50 -7.90
C LEU B 161 4.00 -6.69 -7.28
N ALA B 162 2.68 -6.56 -7.10
CA ALA B 162 1.92 -7.64 -6.46
C ALA B 162 1.97 -8.93 -7.28
N ALA B 163 1.96 -8.81 -8.59
CA ALA B 163 2.02 -9.98 -9.46
C ALA B 163 3.35 -10.68 -9.32
N ALA B 164 4.43 -9.90 -9.27
CA ALA B 164 5.77 -10.46 -9.13
C ALA B 164 5.92 -11.16 -7.78
N VAL B 165 5.42 -10.53 -6.73
CA VAL B 165 5.50 -11.08 -5.39
C VAL B 165 4.78 -12.43 -5.28
N ASP B 166 3.57 -12.50 -5.80
CA ASP B 166 2.78 -13.74 -5.70
C ASP B 166 3.48 -14.86 -6.47
N GLU B 167 4.03 -14.51 -7.62
CA GLU B 167 4.78 -15.49 -8.41
C GLU B 167 5.99 -16.04 -7.66
N LEU B 168 6.80 -15.15 -7.07
CA LEU B 168 8.02 -15.58 -6.38
C LEU B 168 7.73 -16.41 -5.13
N VAL B 169 6.74 -16.00 -4.35
CA VAL B 169 6.42 -16.72 -3.11
C VAL B 169 5.85 -18.10 -3.42
N ALA B 170 4.97 -18.17 -4.41
CA ALA B 170 4.35 -19.44 -4.75
C ALA B 170 5.37 -20.40 -5.37
N ALA B 171 6.41 -19.85 -6.00
CA ALA B 171 7.38 -20.68 -6.72
C ALA B 171 8.18 -21.59 -5.79
N THR B 172 8.39 -21.16 -4.55
CA THR B 172 9.24 -21.92 -3.63
C THR B 172 8.49 -22.57 -2.48
N ALA B 173 7.17 -22.39 -2.45
CA ALA B 173 6.33 -23.13 -1.51
C ALA B 173 6.32 -24.59 -1.98
N PRO B 174 6.36 -25.55 -1.04
CA PRO B 174 6.33 -25.35 0.41
C PRO B 174 7.71 -25.43 1.05
N THR B 175 8.79 -25.43 0.28
CA THR B 175 10.08 -25.49 0.96
C THR B 175 10.38 -24.22 1.79
N THR B 176 9.78 -23.10 1.40
CA THR B 176 9.87 -21.85 2.16
C THR B 176 8.52 -21.45 2.74
N THR B 177 8.54 -20.73 3.86
CA THR B 177 7.33 -20.18 4.48
C THR B 177 7.58 -18.71 4.80
N VAL B 178 6.61 -17.84 4.53
CA VAL B 178 6.76 -16.43 4.88
C VAL B 178 6.83 -16.25 6.40
N ARG B 179 7.86 -15.55 6.87
CA ARG B 179 8.00 -15.22 8.29
C ARG B 179 7.36 -13.87 8.61
N TRP B 180 7.76 -12.85 7.86
CA TRP B 180 7.13 -11.53 7.96
C TRP B 180 7.28 -10.83 6.62
N SER B 181 6.47 -9.82 6.37
CA SER B 181 6.65 -9.01 5.17
C SER B 181 6.16 -7.61 5.42
N LEU B 182 6.62 -6.66 4.62
CA LEU B 182 6.13 -5.28 4.74
C LEU B 182 6.22 -4.59 3.38
N ARG B 183 5.12 -3.93 3.01
CA ARG B 183 5.07 -3.15 1.79
C ARG B 183 5.34 -1.68 2.11
N GLY B 184 5.99 -0.99 1.17
CA GLY B 184 6.32 0.42 1.36
C GLY B 184 6.21 1.22 0.06
N PHE B 185 6.14 2.54 0.19
CA PHE B 185 6.03 3.40 -0.97
C PHE B 185 6.83 4.69 -0.83
N ARG B 186 7.08 5.32 -1.98
CA ARG B 186 7.54 6.70 -2.08
C ARG B 186 6.64 7.38 -3.09
N ARG B 187 6.79 8.69 -3.26
CA ARG B 187 6.06 9.37 -4.33
C ARG B 187 6.44 8.77 -5.69
N THR B 188 5.46 8.64 -6.56
CA THR B 188 5.75 8.17 -7.92
C THR B 188 6.42 9.25 -8.76
N ALA B 189 7.25 8.83 -9.70
CA ALA B 189 7.87 9.78 -10.62
C ALA B 189 6.81 10.55 -11.39
N ALA B 190 5.70 9.88 -11.71
CA ALA B 190 4.66 10.49 -12.52
C ALA B 190 4.02 11.70 -11.84
N ALA B 191 4.01 11.68 -10.51
CA ALA B 191 3.39 12.77 -9.74
C ALA B 191 4.42 13.70 -9.12
N ALA B 192 5.67 13.58 -9.53
CA ALA B 192 6.72 14.46 -8.98
C ALA B 192 6.91 15.68 -9.86
N GLN B 193 6.88 16.87 -9.25
CA GLN B 193 7.19 18.08 -10.00
C GLN B 193 8.60 17.96 -10.58
N ASP B 194 9.50 17.41 -9.78
CA ASP B 194 10.88 17.12 -10.19
C ASP B 194 11.21 15.68 -9.82
N PRO B 195 11.19 14.77 -10.80
CA PRO B 195 11.45 13.35 -10.51
C PRO B 195 12.84 13.07 -9.96
N ASP B 196 13.76 14.03 -10.05
CA ASP B 196 15.10 13.87 -9.47
C ASP B 196 15.21 14.35 -8.02
N ALA B 197 14.17 15.02 -7.52
CA ALA B 197 14.19 15.53 -6.14
C ALA B 197 14.26 14.38 -5.14
N THR B 198 14.95 14.56 -4.02
CA THR B 198 14.98 13.43 -3.09
C THR B 198 13.62 13.28 -2.37
N PRO B 199 13.21 12.03 -2.12
CA PRO B 199 11.87 11.74 -1.58
C PRO B 199 11.72 12.19 -0.13
N ARG B 200 10.49 12.41 0.31
CA ARG B 200 10.21 12.75 1.70
C ARG B 200 9.57 11.58 2.45
N ASN B 201 9.65 11.62 3.77
CA ASN B 201 9.02 10.59 4.62
C ASN B 201 7.71 11.10 5.24
N LEU B 202 7.05 10.28 6.05
CA LEU B 202 5.74 10.66 6.57
C LEU B 202 5.77 11.74 7.66
N MET B 203 6.96 12.06 8.15
CA MET B 203 7.13 13.19 9.06
C MET B 203 7.31 14.49 8.28
N GLY B 204 7.36 14.38 6.95
CA GLY B 204 7.50 15.54 6.10
C GLY B 204 8.93 15.85 5.69
N GLN B 205 9.89 15.08 6.18
CA GLN B 205 11.30 15.39 5.97
C GLN B 205 11.85 14.85 4.67
N ILE B 206 12.66 15.64 3.98
CA ILE B 206 13.48 15.12 2.90
C ILE B 206 14.42 14.06 3.51
N ASP B 207 14.50 12.89 2.89
CA ASP B 207 15.16 11.76 3.55
C ASP B 207 16.03 11.05 2.51
N GLY B 208 17.35 11.20 2.66
CA GLY B 208 18.30 10.58 1.73
C GLY B 208 19.47 11.47 1.31
N THR B 209 19.40 12.75 1.68
CA THR B 209 20.37 13.77 1.22
C THR B 209 21.83 13.37 1.39
N ALA B 210 22.17 12.86 2.56
CA ALA B 210 23.57 12.58 2.89
C ALA B 210 24.11 11.28 2.31
N ASN B 211 23.28 10.52 1.59
CA ASN B 211 23.77 9.32 0.91
C ASN B 211 24.85 9.72 -0.08
N PRO B 212 25.86 8.86 -0.23
CA PRO B 212 26.87 9.13 -1.27
C PRO B 212 26.22 9.14 -2.65
N ALA B 213 26.71 10.02 -3.53
CA ALA B 213 26.15 10.14 -4.87
C ALA B 213 26.31 8.85 -5.68
N GLN B 214 25.31 8.52 -6.49
CA GLN B 214 25.32 7.30 -7.30
C GLN B 214 26.51 7.20 -8.25
N ASP B 215 26.98 8.34 -8.75
CA ASP B 215 28.18 8.35 -9.57
C ASP B 215 29.41 7.84 -8.80
N HIS B 216 29.93 8.70 -7.91
CA HIS B 216 31.02 8.42 -6.97
C HIS B 216 31.46 6.98 -6.73
N PRO B 217 32.79 6.76 -6.74
CA PRO B 217 33.35 5.54 -6.16
C PRO B 217 33.03 5.44 -4.66
N LEU B 218 32.66 6.55 -4.03
CA LEU B 218 32.31 6.51 -2.61
C LEU B 218 31.08 5.63 -2.36
N PHE B 219 30.14 5.64 -3.30
CA PHE B 219 28.95 4.81 -3.18
C PHE B 219 29.38 3.34 -3.13
N THR B 220 30.20 2.96 -4.10
CA THR B 220 30.68 1.59 -4.20
C THR B 220 31.44 1.16 -2.95
N ARG B 221 32.33 2.03 -2.45
CA ARG B 221 33.11 1.73 -1.24
C ARG B 221 32.19 1.57 -0.04
N THR B 222 31.10 2.33 -0.03
CA THR B 222 30.21 2.33 1.12
C THR B 222 29.39 1.03 1.21
N VAL B 223 28.94 0.49 0.07
CA VAL B 223 28.02 -0.66 0.12
C VAL B 223 28.67 -2.02 -0.07
N THR B 224 29.90 -2.05 -0.57
CA THR B 224 30.49 -3.32 -1.00
C THR B 224 31.39 -3.98 0.04
N ALA B 225 31.15 -5.26 0.31
CA ALA B 225 32.01 -6.01 1.23
C ALA B 225 33.39 -6.22 0.65
N PRO B 226 34.43 -5.81 1.39
CA PRO B 226 35.81 -6.02 0.93
C PRO B 226 36.14 -7.51 0.98
N PRO B 227 37.13 -7.94 0.17
CA PRO B 227 37.46 -9.37 0.09
C PRO B 227 37.83 -9.96 1.46
N ALA B 228 37.28 -11.13 1.77
CA ALA B 228 37.55 -11.82 3.02
C ALA B 228 38.98 -12.34 3.08
N ASP B 229 39.55 -12.39 4.28
CA ASP B 229 40.87 -13.00 4.46
C ASP B 229 40.74 -14.52 4.57
N ASP B 230 39.58 -14.97 5.04
CA ASP B 230 39.29 -16.40 5.18
C ASP B 230 38.49 -16.84 3.96
N PRO B 231 39.05 -17.77 3.17
CA PRO B 231 38.40 -18.25 1.94
C PRO B 231 37.00 -18.81 2.17
N ALA B 232 36.74 -19.33 3.37
CA ALA B 232 35.43 -19.87 3.69
C ALA B 232 34.36 -18.79 3.78
N HIS B 233 34.81 -17.54 3.90
CA HIS B 233 33.91 -16.38 3.99
C HIS B 233 33.80 -15.61 2.66
N ALA B 234 34.55 -16.04 1.66
CA ALA B 234 34.69 -15.28 0.42
C ALA B 234 33.45 -15.27 -0.49
N TRP B 235 32.45 -16.09 -0.16
CA TRP B 235 31.19 -16.08 -0.91
C TRP B 235 30.50 -14.72 -0.84
N MET B 236 30.88 -13.90 0.14
CA MET B 236 30.31 -12.56 0.28
C MET B 236 31.19 -11.46 -0.30
N ASP B 237 32.35 -11.80 -0.86
CA ASP B 237 33.18 -10.82 -1.55
C ASP B 237 32.37 -10.08 -2.62
N GLY B 238 32.33 -8.76 -2.56
CA GLY B 238 31.60 -7.97 -3.53
C GLY B 238 30.11 -7.86 -3.25
N GLY B 239 29.64 -8.53 -2.21
CA GLY B 239 28.22 -8.46 -1.84
C GLY B 239 27.94 -7.24 -0.99
N SER B 240 26.72 -7.13 -0.48
CA SER B 240 26.41 -6.03 0.43
C SER B 240 25.60 -6.59 1.57
N TYR B 241 25.57 -5.88 2.70
CA TYR B 241 24.71 -6.26 3.82
C TYR B 241 23.58 -5.28 3.99
N LEU B 242 22.38 -5.82 4.18
CA LEU B 242 21.17 -5.02 4.40
C LEU B 242 20.72 -5.13 5.85
N VAL B 243 20.57 -3.98 6.50
CA VAL B 243 19.85 -3.94 7.78
C VAL B 243 18.47 -3.34 7.54
N VAL B 244 17.43 -4.10 7.89
CA VAL B 244 16.06 -3.61 7.82
C VAL B 244 15.57 -3.27 9.21
N ARG B 245 14.97 -2.10 9.36
CA ARG B 245 14.26 -1.77 10.61
C ARG B 245 12.86 -1.26 10.29
N ARG B 246 11.86 -1.87 10.91
CA ARG B 246 10.50 -1.34 10.83
C ARG B 246 10.33 -0.33 11.95
N ILE B 247 10.25 0.96 11.60
CA ILE B 247 10.27 2.02 12.62
C ILE B 247 8.96 2.77 12.60
N ARG B 248 8.14 2.55 13.62
CA ARG B 248 6.86 3.24 13.75
C ARG B 248 7.12 4.69 14.14
N MET B 249 6.41 5.60 13.47
CA MET B 249 6.46 7.02 13.82
C MET B 249 5.32 7.40 14.73
N LEU B 250 5.65 8.12 15.81
CA LEU B 250 4.62 8.56 16.76
C LEU B 250 4.08 9.87 16.22
N LEU B 251 3.24 9.78 15.21
CA LEU B 251 2.80 10.95 14.46
C LEU B 251 1.87 11.87 15.26
N ASP B 252 1.12 11.30 16.20
CA ASP B 252 0.26 12.09 17.09
C ASP B 252 1.12 13.02 17.94
N GLU B 253 2.19 12.48 18.53
CA GLU B 253 3.12 13.29 19.31
C GLU B 253 3.86 14.29 18.44
N TRP B 254 4.28 13.84 17.26
CA TRP B 254 5.03 14.67 16.33
C TRP B 254 4.23 15.90 15.91
N ARG B 255 2.94 15.72 15.63
CA ARG B 255 2.10 16.85 15.24
C ARG B 255 1.93 17.93 16.31
N ARG B 256 2.15 17.58 17.58
CA ARG B 256 2.07 18.58 18.65
C ARG B 256 3.18 19.62 18.56
N LEU B 257 4.31 19.26 17.97
CA LEU B 257 5.45 20.17 17.84
C LEU B 257 5.21 21.22 16.76
N ASP B 258 5.60 22.47 17.02
CA ASP B 258 5.60 23.46 15.94
C ASP B 258 6.74 23.17 14.95
N VAL B 259 6.71 23.80 13.79
CA VAL B 259 7.71 23.50 12.75
C VAL B 259 9.16 23.72 13.22
N PRO B 260 9.47 24.87 13.85
CA PRO B 260 10.86 25.03 14.29
C PRO B 260 11.36 23.94 15.24
N ASP B 261 10.50 23.45 16.13
CA ASP B 261 10.92 22.36 17.02
C ASP B 261 11.14 21.05 16.26
N ARG B 262 10.29 20.78 15.27
CA ARG B 262 10.49 19.59 14.43
C ARG B 262 11.82 19.67 13.71
N GLU B 263 12.15 20.86 13.23
CA GLU B 263 13.41 21.06 12.53
C GLU B 263 14.59 20.85 13.45
N ARG B 264 14.46 21.24 14.71
CA ARG B 264 15.54 21.04 15.68
C ARG B 264 15.72 19.58 16.09
N VAL B 265 14.68 18.77 15.98
CA VAL B 265 14.82 17.34 16.25
C VAL B 265 15.81 16.71 15.26
N ILE B 266 15.73 17.12 14.00
CA ILE B 266 16.56 16.57 12.94
C ILE B 266 17.88 17.32 12.77
N GLY B 267 17.78 18.64 12.74
CA GLY B 267 18.94 19.49 12.45
C GLY B 267 18.91 20.07 11.04
N ARG B 268 17.78 19.93 10.34
CA ARG B 268 17.62 20.50 9.00
C ARG B 268 16.24 21.14 8.86
N HIS B 269 16.15 22.12 7.96
CA HIS B 269 14.88 22.77 7.62
C HIS B 269 13.92 21.82 6.93
N LEU B 270 12.62 21.94 7.25
CA LEU B 270 11.61 21.07 6.65
C LEU B 270 11.32 21.45 5.21
N ASP B 271 11.22 22.75 4.93
CA ASP B 271 10.87 23.19 3.57
C ASP B 271 11.96 22.92 2.53
N THR B 272 13.18 23.36 2.83
CA THR B 272 14.28 23.27 1.85
C THR B 272 15.16 22.06 2.05
N GLY B 273 15.12 21.47 3.24
CA GLY B 273 16.04 20.37 3.55
C GLY B 273 17.45 20.83 3.88
N ALA B 274 17.67 22.14 3.92
CA ALA B 274 18.99 22.69 4.24
C ALA B 274 19.37 22.43 5.69
N PRO B 275 20.67 22.25 5.97
CA PRO B 275 21.06 22.15 7.38
C PRO B 275 20.66 23.45 8.10
N LEU B 276 20.34 23.39 9.38
CA LEU B 276 20.16 24.62 10.14
C LEU B 276 21.49 25.39 10.09
N GLY B 277 21.42 26.64 9.66
CA GLY B 277 22.62 27.44 9.45
C GLY B 277 22.96 27.58 7.97
N GLY B 278 22.38 26.71 7.15
CA GLY B 278 22.64 26.72 5.72
C GLY B 278 21.47 27.24 4.91
N GLU B 279 21.56 27.16 3.58
CA GLU B 279 20.45 27.65 2.74
C GLU B 279 19.93 26.67 1.67
N LYS B 280 20.76 25.70 1.25
CA LYS B 280 20.33 24.68 0.30
C LYS B 280 20.43 23.28 0.89
N GLU B 281 19.64 22.35 0.36
CA GLU B 281 19.67 20.94 0.75
C GLU B 281 21.09 20.36 0.73
N THR B 282 21.85 20.72 -0.28
CA THR B 282 23.18 20.15 -0.48
C THR B 282 24.32 20.84 0.29
N ASP B 283 24.02 21.89 1.06
CA ASP B 283 25.06 22.58 1.83
C ASP B 283 25.59 21.64 2.89
N PRO B 284 26.87 21.77 3.26
CA PRO B 284 27.41 20.87 4.29
C PRO B 284 26.75 21.11 5.64
N VAL B 285 26.58 20.04 6.43
CA VAL B 285 26.10 20.18 7.78
C VAL B 285 27.24 20.68 8.65
N VAL B 286 27.18 21.95 9.02
CA VAL B 286 28.24 22.55 9.84
C VAL B 286 27.92 22.43 11.33
N LEU B 287 28.58 21.50 11.99
CA LEU B 287 28.23 21.13 13.36
C LEU B 287 28.88 22.04 14.39
N THR B 288 29.73 22.96 13.94
CA THR B 288 30.40 23.88 14.84
C THR B 288 29.70 25.24 14.92
N ALA B 289 28.69 25.44 14.09
CA ALA B 289 28.01 26.73 14.00
C ALA B 289 27.34 27.10 15.33
N ARG B 290 27.59 28.31 15.79
CA ARG B 290 27.00 28.81 17.03
C ARG B 290 26.28 30.13 16.83
N ASP B 291 25.31 30.40 17.70
CA ASP B 291 24.67 31.71 17.78
C ASP B 291 25.63 32.69 18.45
N ALA B 292 25.25 33.97 18.45
CA ALA B 292 26.05 35.01 19.07
C ALA B 292 26.26 34.73 20.56
N ASP B 293 25.26 34.14 21.20
CA ASP B 293 25.34 33.86 22.64
C ASP B 293 26.05 32.55 22.99
N GLY B 294 26.53 31.82 21.99
CA GLY B 294 27.31 30.62 22.22
C GLY B 294 26.58 29.31 21.98
N ARG B 295 25.26 29.36 21.88
CA ARG B 295 24.47 28.13 21.66
C ARG B 295 24.77 27.50 20.32
N LEU B 296 24.82 26.18 20.27
CA LEU B 296 24.97 25.48 18.99
C LEU B 296 23.71 25.69 18.14
N VAL B 297 23.90 25.97 16.86
CA VAL B 297 22.79 26.14 15.92
C VAL B 297 22.02 24.83 15.72
N ILE B 298 22.78 23.75 15.53
CA ILE B 298 22.18 22.41 15.47
C ILE B 298 22.33 21.81 16.87
N PRO B 299 21.21 21.47 17.52
CA PRO B 299 21.26 21.03 18.93
C PRO B 299 22.16 19.82 19.19
N GLU B 300 22.59 19.67 20.44
CA GLU B 300 23.46 18.57 20.84
C GLU B 300 22.83 17.21 20.64
N ASP B 301 21.50 17.16 20.60
CA ASP B 301 20.77 15.91 20.45
C ASP B 301 20.08 15.80 19.09
N ALA B 302 20.47 16.63 18.13
CA ALA B 302 19.86 16.54 16.80
C ALA B 302 20.27 15.27 16.08
N HIS B 303 19.32 14.66 15.38
CA HIS B 303 19.55 13.42 14.64
C HIS B 303 20.78 13.48 13.73
N VAL B 304 20.88 14.51 12.89
CA VAL B 304 22.00 14.53 11.94
C VAL B 304 23.34 14.79 12.61
N ARG B 305 23.33 15.41 13.80
CA ARG B 305 24.58 15.57 14.56
C ARG B 305 25.09 14.22 15.02
N LEU B 306 24.19 13.40 15.57
CA LEU B 306 24.62 12.13 16.14
C LEU B 306 24.88 11.08 15.09
N ALA B 307 24.23 11.19 13.93
CA ALA B 307 24.40 10.21 12.86
C ALA B 307 25.57 10.51 11.90
N ASN B 308 26.15 11.71 11.98
CA ASN B 308 27.23 12.11 11.08
C ASN B 308 28.40 11.14 11.16
N PRO B 309 29.00 10.76 10.01
CA PRO B 309 30.16 9.86 10.05
C PRO B 309 31.26 10.32 11.00
N GLU B 310 31.44 11.63 11.15
CA GLU B 310 32.51 12.13 12.04
C GLU B 310 32.30 11.80 13.52
N ASN B 311 31.04 11.51 13.89
CA ASN B 311 30.70 11.12 15.27
C ASN B 311 30.69 9.61 15.43
N ASN B 312 31.03 8.90 14.35
CA ASN B 312 30.91 7.45 14.35
C ASN B 312 32.09 6.73 13.71
N LEU B 313 33.29 7.24 13.96
CA LEU B 313 34.52 6.61 13.48
C LEU B 313 34.58 6.49 11.97
N GLY B 314 33.85 7.38 11.27
CA GLY B 314 33.83 7.37 9.82
C GLY B 314 32.73 6.50 9.21
N ALA B 315 31.93 5.86 10.05
CA ALA B 315 30.88 4.95 9.57
C ALA B 315 29.92 5.61 8.58
N ARG B 316 29.58 4.88 7.52
CA ARG B 316 28.76 5.42 6.45
C ARG B 316 27.89 4.32 5.90
N MET B 317 26.71 4.68 5.39
CA MET B 317 25.81 3.70 4.80
C MET B 317 25.00 4.34 3.68
N VAL B 318 24.35 3.51 2.87
CA VAL B 318 23.35 4.02 1.92
C VAL B 318 21.98 3.66 2.45
N ARG B 319 21.18 4.69 2.73
CA ARG B 319 19.82 4.48 3.21
C ARG B 319 18.85 4.49 2.04
N ARG B 320 18.10 3.40 1.88
CA ARG B 320 17.20 3.24 0.73
C ARG B 320 15.85 2.78 1.27
N GLY B 321 15.23 3.66 2.04
CA GLY B 321 14.02 3.32 2.76
C GLY B 321 12.73 3.70 2.07
N TYR B 322 11.62 3.24 2.65
CA TYR B 322 10.29 3.47 2.08
C TYR B 322 9.35 3.84 3.21
N ASN B 323 8.25 4.52 2.86
CA ASN B 323 7.22 4.80 3.86
C ASN B 323 6.27 3.62 3.98
N TYR B 324 5.77 3.34 5.18
CA TYR B 324 4.72 2.33 5.28
C TYR B 324 3.49 2.88 5.98
N ASP B 325 2.33 2.39 5.57
CA ASP B 325 1.08 2.80 6.17
C ASP B 325 0.25 1.54 6.37
N GLU B 326 0.10 1.16 7.63
CA GLU B 326 -0.70 -0.01 7.97
C GLU B 326 -1.91 0.39 8.82
N GLY B 327 -2.38 1.61 8.59
CA GLY B 327 -3.63 2.06 9.21
C GLY B 327 -3.50 2.34 10.68
N TRP B 328 -4.43 1.76 11.45
CA TRP B 328 -4.51 1.98 12.90
C TRP B 328 -4.62 0.64 13.61
N ARG B 329 -3.97 0.54 14.76
N ARG B 329 -3.95 0.53 14.75
CA ARG B 329 -4.10 -0.65 15.59
CA ARG B 329 -4.07 -0.68 15.58
C ARG B 329 -5.41 -0.63 16.36
C ARG B 329 -5.38 -0.63 16.36
N ASP B 330 -5.66 -1.68 17.12
CA ASP B 330 -6.91 -1.80 17.86
C ASP B 330 -7.11 -0.72 18.93
N ASP B 331 -6.02 -0.11 19.40
CA ASP B 331 -6.14 0.99 20.36
C ASP B 331 -6.30 2.34 19.66
N GLY B 332 -6.39 2.30 18.33
CA GLY B 332 -6.57 3.51 17.56
C GLY B 332 -5.28 4.29 17.35
N VAL B 333 -4.14 3.72 17.76
CA VAL B 333 -2.85 4.34 17.46
C VAL B 333 -2.40 4.03 16.03
N ARG B 334 -1.89 5.07 15.37
CA ARG B 334 -1.43 4.98 13.99
C ARG B 334 -0.32 3.95 13.85
N ASP B 335 -0.47 3.05 12.89
CA ASP B 335 0.58 2.10 12.57
C ASP B 335 1.15 2.51 11.22
N ALA B 336 2.06 3.48 11.24
CA ALA B 336 2.70 3.97 10.02
C ALA B 336 4.10 4.41 10.39
N GLY B 337 5.00 4.47 9.42
CA GLY B 337 6.35 4.85 9.75
C GLY B 337 7.34 4.71 8.61
N LEU B 338 8.58 4.38 8.96
CA LEU B 338 9.64 4.24 7.98
C LEU B 338 10.09 2.79 7.92
N LEU B 339 10.02 2.22 6.73
CA LEU B 339 10.66 0.95 6.44
C LEU B 339 12.11 1.30 6.11
N PHE B 340 12.93 1.33 7.16
CA PHE B 340 14.33 1.74 7.06
C PHE B 340 15.16 0.59 6.48
N MET B 341 15.98 0.90 5.47
CA MET B 341 16.87 -0.10 4.87
C MET B 341 18.24 0.48 4.62
N ALA B 342 19.23 0.00 5.37
CA ALA B 342 20.60 0.50 5.23
C ALA B 342 21.47 -0.53 4.53
N TRP B 343 22.24 -0.09 3.55
CA TRP B 343 23.14 -0.97 2.82
C TRP B 343 24.58 -0.58 3.14
N GLN B 344 25.44 -1.57 3.37
CA GLN B 344 26.83 -1.30 3.74
C GLN B 344 27.68 -2.53 3.53
N GLY B 345 28.99 -2.33 3.40
CA GLY B 345 29.90 -3.46 3.23
C GLY B 345 30.08 -4.25 4.51
N ASN B 346 29.80 -3.61 5.65
CA ASN B 346 30.02 -4.22 6.95
C ASN B 346 29.19 -3.49 8.00
N PRO B 347 28.17 -4.15 8.58
CA PRO B 347 27.35 -3.46 9.57
C PRO B 347 28.14 -2.89 10.74
N ALA B 348 29.28 -3.50 11.05
CA ALA B 348 30.12 -3.00 12.14
C ALA B 348 30.71 -1.63 11.88
N THR B 349 30.78 -1.24 10.60
CA THR B 349 31.24 0.10 10.23
C THR B 349 30.17 0.87 9.44
N GLY B 350 28.92 0.53 9.71
CA GLY B 350 27.78 1.19 9.08
C GLY B 350 26.67 1.38 10.11
N PHE B 351 25.58 0.64 9.97
CA PHE B 351 24.42 0.78 10.85
C PHE B 351 24.75 0.70 12.35
N VAL B 352 25.52 -0.31 12.74
CA VAL B 352 25.69 -0.59 14.18
C VAL B 352 26.27 0.57 15.00
N PRO B 353 27.43 1.12 14.61
CA PRO B 353 27.92 2.23 15.44
C PRO B 353 27.03 3.46 15.43
N VAL B 354 26.40 3.75 14.29
CA VAL B 354 25.50 4.90 14.21
C VAL B 354 24.30 4.70 15.12
N GLN B 355 23.69 3.52 15.07
CA GLN B 355 22.55 3.24 15.93
C GLN B 355 22.96 3.31 17.40
N ARG B 356 24.16 2.81 17.72
CA ARG B 356 24.69 2.95 19.08
C ARG B 356 24.74 4.42 19.52
N SER B 357 25.20 5.29 18.62
CA SER B 357 25.24 6.72 18.94
C SER B 357 23.84 7.31 19.15
N LEU B 358 22.89 6.94 18.29
CA LEU B 358 21.55 7.51 18.42
C LEU B 358 20.93 7.12 19.75
N VAL B 359 21.15 5.87 20.15
CA VAL B 359 20.60 5.37 21.40
C VAL B 359 21.34 5.94 22.60
N GLU B 360 22.66 5.82 22.60
CA GLU B 360 23.44 6.18 23.79
C GLU B 360 23.65 7.68 24.00
N GLN B 361 23.55 8.46 22.93
CA GLN B 361 23.71 9.90 23.06
C GLN B 361 22.38 10.66 23.04
N GLY B 362 21.27 9.93 23.05
CA GLY B 362 19.97 10.54 23.27
C GLY B 362 19.38 11.34 22.13
N ASP B 363 19.44 10.79 20.92
CA ASP B 363 18.82 11.38 19.74
C ASP B 363 17.40 11.84 20.07
N ALA B 364 17.11 13.10 19.81
CA ALA B 364 15.77 13.64 20.04
C ALA B 364 14.69 12.86 19.29
N LEU B 365 15.08 12.25 18.17
CA LEU B 365 14.14 11.46 17.38
C LEU B 365 13.71 10.18 18.09
N ASN B 366 14.48 9.75 19.09
CA ASN B 366 14.13 8.52 19.83
C ASN B 366 12.73 8.60 20.42
N ARG B 367 12.35 9.79 20.89
CA ARG B 367 11.07 9.94 21.57
C ARG B 367 9.89 9.94 20.61
N TYR B 368 10.16 9.95 19.31
CA TYR B 368 9.09 9.98 18.32
C TYR B 368 9.05 8.76 17.44
N THR B 369 9.84 7.74 17.80
CA THR B 369 9.95 6.55 16.96
C THR B 369 10.02 5.29 17.82
N ARG B 370 9.58 4.17 17.24
CA ARG B 370 9.67 2.87 17.93
C ARG B 370 10.12 1.80 16.95
N HIS B 371 11.29 1.21 17.18
CA HIS B 371 11.78 0.15 16.30
C HIS B 371 11.07 -1.16 16.68
N GLU B 372 10.26 -1.69 15.77
CA GLU B 372 9.39 -2.85 16.08
C GLU B 372 9.76 -4.10 15.30
N GLY B 373 10.58 -3.95 14.27
CA GLY B 373 11.04 -5.09 13.50
C GLY B 373 12.46 -4.85 13.06
N SER B 374 13.22 -5.93 12.86
CA SER B 374 14.65 -5.81 12.57
C SER B 374 15.17 -7.08 11.91
N ALA B 375 16.07 -6.93 10.94
CA ALA B 375 16.71 -8.07 10.32
C ALA B 375 18.02 -7.68 9.66
N LEU B 376 18.95 -8.63 9.61
CA LEU B 376 20.18 -8.46 8.85
C LEU B 376 20.24 -9.56 7.79
N PHE B 377 20.56 -9.17 6.56
CA PHE B 377 20.70 -10.12 5.47
C PHE B 377 21.95 -9.88 4.66
N ALA B 378 22.61 -10.98 4.29
CA ALA B 378 23.75 -10.93 3.40
C ALA B 378 23.24 -11.04 1.96
N VAL B 379 23.67 -10.12 1.11
CA VAL B 379 23.20 -10.08 -0.26
C VAL B 379 24.38 -10.25 -1.20
N PRO B 380 24.61 -11.49 -1.65
CA PRO B 380 25.84 -11.74 -2.42
C PRO B 380 25.81 -11.26 -3.87
N ALA B 381 26.99 -11.13 -4.47
CA ALA B 381 27.11 -10.94 -5.91
C ALA B 381 27.28 -12.31 -6.56
N ALA B 382 26.52 -12.58 -7.61
CA ALA B 382 26.66 -13.84 -8.33
C ALA B 382 27.24 -13.60 -9.72
N THR B 383 28.13 -14.48 -10.16
CA THR B 383 28.73 -14.37 -11.48
C THR B 383 27.69 -14.63 -12.57
N ALA B 384 28.17 -14.82 -13.81
CA ALA B 384 27.32 -14.96 -14.97
C ALA B 384 26.24 -16.03 -14.85
N ASP B 385 26.66 -17.30 -14.76
CA ASP B 385 25.72 -18.41 -14.81
C ASP B 385 25.53 -19.08 -13.45
N ARG B 386 25.35 -18.27 -12.41
CA ARG B 386 25.17 -18.76 -11.05
C ARG B 386 24.08 -17.99 -10.34
N TYR B 387 23.52 -18.59 -9.28
CA TYR B 387 22.51 -17.92 -8.46
C TYR B 387 23.15 -17.36 -7.19
N PRO B 388 22.56 -16.29 -6.61
CA PRO B 388 23.14 -15.72 -5.38
C PRO B 388 23.18 -16.74 -4.27
N GLY B 389 24.35 -16.96 -3.69
CA GLY B 389 24.50 -17.92 -2.61
C GLY B 389 24.95 -19.30 -3.09
N GLN B 390 25.12 -19.46 -4.40
CA GLN B 390 25.53 -20.76 -4.94
C GLN B 390 26.92 -21.15 -4.42
N ASP B 391 27.80 -20.16 -4.26
CA ASP B 391 29.13 -20.39 -3.67
C ASP B 391 29.02 -20.92 -2.24
N LEU B 392 28.02 -20.44 -1.51
CA LEU B 392 27.80 -20.86 -0.13
C LEU B 392 27.27 -22.29 -0.06
N VAL B 393 26.16 -22.51 -0.76
CA VAL B 393 25.44 -23.77 -0.69
C VAL B 393 26.22 -24.93 -1.33
N GLU B 394 26.90 -24.64 -2.44
CA GLU B 394 27.70 -25.67 -3.12
C GLU B 394 29.16 -25.70 -2.67
N GLY B 395 29.47 -24.96 -1.60
CA GLY B 395 30.84 -24.87 -1.12
C GLY B 395 31.12 -25.71 0.13
CHA HEM C . -19.21 -8.81 -12.73
CHB HEM C . -15.34 -10.21 -10.15
CHC HEM C . -17.85 -9.79 -6.01
CHD HEM C . -21.64 -8.04 -8.52
C1A HEM C . -17.96 -9.25 -12.38
C2A HEM C . -16.91 -9.59 -13.31
C3A HEM C . -15.86 -9.97 -12.59
C4A HEM C . -16.19 -9.89 -11.19
CMA HEM C . -14.49 -10.43 -13.16
CAA HEM C . -17.01 -9.53 -14.85
CBA HEM C . -16.54 -8.19 -15.44
CGA HEM C . -17.47 -7.07 -15.08
O1A HEM C . -17.12 -6.26 -14.18
O2A HEM C . -18.58 -6.94 -15.68
C1B HEM C . -15.68 -10.24 -8.82
C2B HEM C . -14.82 -10.66 -7.74
C3B HEM C . -15.50 -10.56 -6.59
C4B HEM C . -16.83 -10.05 -6.91
CMB HEM C . -13.37 -11.15 -7.98
CAB HEM C . -15.04 -10.86 -5.15
CBB HEM C . -13.73 -10.91 -4.80
C1C HEM C . -19.11 -9.29 -6.32
C2C HEM C . -20.20 -9.02 -5.39
C3C HEM C . -21.24 -8.52 -6.09
C4C HEM C . -20.85 -8.48 -7.48
CMC HEM C . -20.08 -9.26 -3.88
CAC HEM C . -22.65 -8.07 -5.63
CBC HEM C . -23.22 -8.39 -4.47
C1D HEM C . -21.31 -8.07 -9.87
C2D HEM C . -22.17 -7.57 -10.91
C3D HEM C . -21.43 -7.82 -12.21
C4D HEM C . -20.18 -8.44 -11.84
CMD HEM C . -23.56 -6.93 -10.75
CAD HEM C . -21.91 -7.48 -13.63
CBD HEM C . -22.84 -8.59 -14.14
CGD HEM C . -23.37 -8.22 -15.50
O1D HEM C . -22.81 -8.70 -16.53
O2D HEM C . -24.35 -7.45 -15.58
NA HEM C . -17.51 -9.44 -11.07
NB HEM C . -16.90 -9.87 -8.28
NC HEM C . -19.55 -8.96 -7.61
ND HEM C . -20.15 -8.56 -10.44
FE HEM C . -18.55 -9.31 -9.36
O1 OXY D . -16.31 -6.24 -8.74
O2 OXY D . -17.31 -7.30 -9.04
C1 GOL E . -24.24 -2.39 7.72
O1 GOL E . -25.34 -3.24 7.68
C2 GOL E . -23.72 -2.34 9.15
O2 GOL E . -22.50 -3.06 9.27
C3 GOL E . -23.44 -0.87 9.39
O3 GOL E . -22.63 -0.47 8.31
CHA HEM F . 19.92 11.57 8.18
CHB HEM F . 15.24 10.80 9.21
CHC HEM F . 16.36 6.62 11.40
CHD HEM F . 20.99 7.14 10.02
C1A HEM F . 18.57 11.71 8.30
C2A HEM F . 17.83 12.87 7.83
C3A HEM F . 16.54 12.65 8.13
C4A HEM F . 16.43 11.36 8.77
CMA HEM F . 15.35 13.60 7.82
CAA HEM F . 18.47 14.10 7.15
CBA HEM F . 18.45 13.99 5.61
CGA HEM F . 19.42 12.95 5.10
O1A HEM F . 20.65 13.23 5.09
O2A HEM F . 18.95 11.85 4.70
C1B HEM F . 15.15 9.62 9.91
C2B HEM F . 13.92 9.09 10.47
C3B HEM F . 14.22 7.94 11.09
C4B HEM F . 15.64 7.70 10.93
CMB HEM F . 12.56 9.81 10.36
CAB HEM F . 13.29 6.96 11.84
CBB HEM F . 11.96 6.89 11.61
C1C HEM F . 17.71 6.40 11.23
C2C HEM F . 18.48 5.26 11.72
C3C HEM F . 19.76 5.41 11.32
C4C HEM F . 19.84 6.65 10.59
CMC HEM F . 17.87 4.09 12.52
CAC HEM F . 21.01 4.52 11.56
CBC HEM F . 21.14 3.62 12.54
C1D HEM F . 21.11 8.36 9.39
C2D HEM F . 22.33 8.84 8.80
C3D HEM F . 22.00 10.22 8.24
C4D HEM F . 20.61 10.43 8.53
CMD HEM F . 23.70 8.14 8.73
CAD HEM F . 22.96 11.16 7.50
CBD HEM F . 23.82 11.91 8.51
CGD HEM F . 24.78 12.79 7.74
O1D HEM F . 24.47 13.99 7.52
O2D HEM F . 25.86 12.28 7.31
NA HEM F . 17.68 10.80 8.86
NB HEM F . 16.18 8.75 10.20
NC HEM F . 18.58 7.25 10.55
ND HEM F . 20.11 9.32 9.21
FE HEM F . 18.17 9.08 9.79
O1 OXY G . 17.42 8.03 7.77
O2 OXY G . 16.54 7.37 6.78
C1 GOL H . 19.68 -9.88 13.24
O1 GOL H . 20.53 -9.70 14.34
C2 GOL H . 18.76 -11.06 13.50
O2 GOL H . 17.42 -10.61 13.71
C3 GOL H . 18.78 -11.84 12.20
O3 GOL H . 18.33 -10.93 11.22
C1 GOL I . 2.34 -6.50 5.96
C1 GOL I . 2.25 -6.45 5.99
O1 GOL I . 1.21 -5.93 6.58
O1 GOL I . 1.73 -7.66 6.50
C2 GOL I . 2.10 -6.56 4.44
C2 GOL I . 2.09 -6.47 4.47
O2 GOL I . 3.14 -7.26 3.77
O2 GOL I . 3.10 -7.25 3.85
C3 GOL I . 2.01 -5.15 3.89
C3 GOL I . 2.09 -5.08 3.88
O3 GOL I . 2.94 -4.32 4.53
O3 GOL I . 2.93 -4.22 4.60
#